data_4X5E
#
_entry.id   4X5E
#
_cell.length_a   94.938
_cell.length_b   78.564
_cell.length_c   101.318
_cell.angle_alpha   90.000
_cell.angle_beta   110.180
_cell.angle_gamma   90.000
#
_symmetry.space_group_name_H-M   'C 1 2 1'
#
loop_
_entity.id
_entity.type
_entity.pdbx_description
1 polymer 'Anthranilate phosphoribosyltransferase'
2 non-polymer 'PYROPHOSPHATE 2-'
3 non-polymer 'MAGNESIUM ION'
4 non-polymer '2-AMINOBENZOIC ACID'
5 non-polymer GLYCEROL
6 water water
#
_entity_poly.entity_id   1
_entity_poly.type   'polypeptide(L)'
_entity_poly.pdbx_seq_one_letter_code
;MALSAEGSSGGSRGGSPKAEAASVPSWPQILGRLTDNRDLARGQAAWAMDQIMTGNARPAQIAAFAVAMTMKAPTADEVG
ELAGVMLSHAHPLPADTVPDDAVDVVGTGGDGVNTVNLSTMAAIVVAAAGVPVVKHGNRAASSLSGGADTLEALGVRIDL
GPDLVARSLAEVGIGFCFAPRFHPSYRHAAAVRAEIGVPTVFNLLGPLTNPARPRAGLIGCAFADLAEVMAGVFAARRSS
VLVVHGDDGLDELTTTTTSTIWRVAAGSVDKLTFDPAGFGFARAQLDQLAGGDAQANAAAVRAVLGGARGPVRDAVVLNA
AGAIVAHAGLSSRAEWLPAWEEGLRRASAAIDTGAAEQLLARWVRFGRQILEHHHHHH
;
_entity_poly.pdbx_strand_id   A,B
#
# COMPACT_ATOMS: atom_id res chain seq x y z
N VAL A 24 -1.87 14.97 -17.71
CA VAL A 24 -2.13 13.49 -17.78
C VAL A 24 -1.79 12.74 -16.48
N PRO A 25 -0.63 13.02 -15.83
CA PRO A 25 -0.26 12.21 -14.65
C PRO A 25 -1.21 12.43 -13.46
N SER A 26 -1.63 11.36 -12.78
CA SER A 26 -2.51 11.51 -11.61
C SER A 26 -2.23 10.40 -10.61
N TRP A 27 -2.68 10.58 -9.36
CA TRP A 27 -2.54 9.55 -8.34
C TRP A 27 -3.28 8.24 -8.68
N PRO A 28 -4.56 8.34 -9.13
CA PRO A 28 -5.23 7.10 -9.47
C PRO A 28 -4.51 6.34 -10.59
N GLN A 29 -3.94 7.06 -11.53
CA GLN A 29 -3.23 6.40 -12.64
C GLN A 29 -1.98 5.67 -12.14
N ILE A 30 -1.16 6.38 -11.40
CA ILE A 30 0.10 5.81 -10.90
C ILE A 30 -0.13 4.66 -9.90
N LEU A 31 -1.02 4.86 -8.94
CA LEU A 31 -1.31 3.81 -7.95
C LEU A 31 -1.99 2.61 -8.57
N GLY A 32 -2.83 2.84 -9.58
CA GLY A 32 -3.50 1.75 -10.29
C GLY A 32 -2.50 0.90 -11.05
N ARG A 33 -1.56 1.57 -11.66
CA ARG A 33 -0.52 0.87 -12.41
C ARG A 33 0.31 0.01 -11.45
N LEU A 34 0.70 0.60 -10.32
CA LEU A 34 1.45 -0.11 -9.29
C LEU A 34 0.68 -1.31 -8.67
N THR A 35 -0.59 -1.10 -8.33
CA THR A 35 -1.42 -2.20 -7.81
C THR A 35 -1.75 -3.27 -8.85
N ASP A 36 -1.69 -2.92 -10.14
CA ASP A 36 -1.69 -3.92 -11.22
C ASP A 36 -0.35 -4.64 -11.40
N ASN A 37 0.63 -4.37 -10.53
CA ASN A 37 1.95 -4.99 -10.61
C ASN A 37 2.78 -4.64 -11.83
N ARG A 38 2.63 -3.42 -12.32
CA ARG A 38 3.38 -2.99 -13.48
C ARG A 38 4.41 -1.98 -13.06
N ASP A 39 5.55 -2.01 -13.74
CA ASP A 39 6.53 -0.93 -13.64
C ASP A 39 5.91 0.35 -14.12
N LEU A 40 6.40 1.47 -13.62
CA LEU A 40 5.84 2.75 -13.99
C LEU A 40 6.44 3.17 -15.31
N ALA A 41 5.78 4.08 -16.03
CA ALA A 41 6.38 4.70 -17.22
C ALA A 41 7.50 5.68 -16.83
N ARG A 42 8.44 5.92 -17.75
CA ARG A 42 9.46 6.95 -17.57
CA ARG A 42 9.46 6.95 -17.57
CA ARG A 42 9.48 6.92 -17.49
C ARG A 42 8.82 8.23 -17.07
N GLY A 43 9.37 8.82 -16.03
CA GLY A 43 8.85 10.07 -15.50
C GLY A 43 7.76 9.99 -14.46
N GLN A 44 7.04 8.88 -14.35
CA GLN A 44 5.92 8.82 -13.37
C GLN A 44 6.36 8.86 -11.88
N ALA A 45 7.41 8.09 -11.55
CA ALA A 45 7.93 8.07 -10.18
C ALA A 45 8.40 9.48 -9.80
N ALA A 46 9.09 10.12 -10.75
CA ALA A 46 9.55 11.52 -10.57
C ALA A 46 8.37 12.46 -10.27
N TRP A 47 7.28 12.31 -11.03
CA TRP A 47 6.09 13.14 -10.84
C TRP A 47 5.56 12.96 -9.44
N ALA A 48 5.39 11.71 -9.06
CA ALA A 48 4.91 11.35 -7.72
C ALA A 48 5.77 11.97 -6.62
N MET A 49 7.09 11.80 -6.72
CA MET A 49 8.01 12.26 -5.67
C MET A 49 7.94 13.79 -5.59
N ASP A 50 7.81 14.41 -6.76
CA ASP A 50 7.73 15.86 -6.80
C ASP A 50 6.44 16.39 -6.13
N GLN A 51 5.31 15.71 -6.36
CA GLN A 51 4.06 16.06 -5.63
C GLN A 51 4.27 15.92 -4.12
N ILE A 52 4.93 14.84 -3.73
CA ILE A 52 5.23 14.54 -2.33
C ILE A 52 6.10 15.66 -1.71
N MET A 53 7.12 16.08 -2.46
CA MET A 53 8.10 17.05 -1.98
C MET A 53 7.60 18.50 -2.07
N THR A 54 6.53 18.76 -2.81
CA THR A 54 5.97 20.11 -2.91
C THR A 54 4.79 20.33 -1.96
N GLY A 55 4.49 19.35 -1.12
CA GLY A 55 3.36 19.45 -0.20
C GLY A 55 2.01 19.21 -0.88
N ASN A 56 2.03 18.65 -2.10
CA ASN A 56 0.80 18.46 -2.85
C ASN A 56 0.16 17.09 -2.73
N ALA A 57 0.74 16.21 -1.91
CA ALA A 57 0.22 14.86 -1.74
C ALA A 57 -0.38 14.67 -0.34
N ARG A 58 -1.54 14.03 -0.30
CA ARG A 58 -2.17 13.67 0.96
C ARG A 58 -1.41 12.55 1.63
N PRO A 59 -1.43 12.50 2.95
CA PRO A 59 -0.75 11.38 3.60
C PRO A 59 -1.21 10.00 3.09
N ALA A 60 -2.50 9.84 2.80
CA ALA A 60 -2.98 8.57 2.26
C ALA A 60 -2.34 8.19 0.90
N GLN A 61 -2.17 9.19 0.04
CA GLN A 61 -1.51 9.03 -1.27
C GLN A 61 -0.02 8.66 -1.10
N ILE A 62 0.66 9.37 -0.20
CA ILE A 62 2.08 9.06 0.08
C ILE A 62 2.21 7.60 0.54
N ALA A 63 1.34 7.21 1.47
CA ALA A 63 1.38 5.88 2.06
C ALA A 63 1.06 4.81 1.01
N ALA A 64 0.06 5.11 0.18
CA ALA A 64 -0.35 4.15 -0.84
C ALA A 64 0.79 3.92 -1.85
N PHE A 65 1.42 5.02 -2.25
CA PHE A 65 2.53 4.98 -3.20
C PHE A 65 3.73 4.21 -2.65
N ALA A 66 4.13 4.52 -1.43
CA ALA A 66 5.28 3.86 -0.81
C ALA A 66 5.05 2.36 -0.72
N VAL A 67 3.87 1.99 -0.25
CA VAL A 67 3.54 0.58 -0.10
C VAL A 67 3.40 -0.11 -1.46
N ALA A 68 2.69 0.51 -2.40
CA ALA A 68 2.41 -0.18 -3.65
C ALA A 68 3.70 -0.44 -4.43
N MET A 69 4.58 0.56 -4.43
CA MET A 69 5.88 0.38 -5.08
C MET A 69 6.73 -0.74 -4.45
N THR A 70 6.74 -0.79 -3.12
CA THR A 70 7.48 -1.85 -2.40
C THR A 70 6.94 -3.22 -2.77
N MET A 71 5.62 -3.39 -2.78
CA MET A 71 5.08 -4.72 -3.09
C MET A 71 5.17 -5.10 -4.56
N LYS A 72 5.20 -4.12 -5.45
CA LYS A 72 5.42 -4.40 -6.88
C LYS A 72 6.87 -4.91 -7.12
N ALA A 73 7.82 -4.34 -6.38
CA ALA A 73 9.27 -4.58 -6.49
C ALA A 73 9.82 -3.44 -7.32
N PRO A 74 10.42 -2.43 -6.65
CA PRO A 74 10.89 -1.26 -7.37
C PRO A 74 12.05 -1.55 -8.27
N THR A 75 12.17 -0.79 -9.35
CA THR A 75 13.27 -0.93 -10.25
C THR A 75 14.30 0.16 -9.93
N ALA A 76 15.50 -0.02 -10.45
CA ALA A 76 16.53 1.02 -10.24
C ALA A 76 16.17 2.31 -10.95
N ASP A 77 15.53 2.21 -12.12
CA ASP A 77 15.05 3.43 -12.82
C ASP A 77 14.10 4.22 -11.91
N GLU A 78 13.16 3.51 -11.29
CA GLU A 78 12.15 4.12 -10.39
C GLU A 78 12.73 4.79 -9.15
N VAL A 79 13.54 4.04 -8.42
CA VAL A 79 14.29 4.55 -7.26
C VAL A 79 15.19 5.70 -7.65
N GLY A 80 15.91 5.59 -8.78
CA GLY A 80 16.69 6.73 -9.30
C GLY A 80 15.88 8.02 -9.48
N GLU A 81 14.65 7.89 -9.97
CA GLU A 81 13.80 9.03 -10.22
C GLU A 81 13.43 9.67 -8.87
N LEU A 82 13.15 8.84 -7.88
CA LEU A 82 12.76 9.35 -6.54
C LEU A 82 13.90 10.13 -5.89
N ALA A 83 15.09 9.56 -6.00
CA ALA A 83 16.29 10.12 -5.40
C ALA A 83 16.65 11.41 -6.17
N GLY A 84 16.45 11.39 -7.49
CA GLY A 84 16.73 12.53 -8.33
C GLY A 84 15.87 13.73 -7.96
N VAL A 85 14.58 13.47 -7.73
CA VAL A 85 13.66 14.58 -7.35
C VAL A 85 14.12 15.15 -6.02
N MET A 86 14.37 14.27 -5.06
CA MET A 86 14.86 14.73 -3.75
C MET A 86 16.12 15.58 -3.85
N LEU A 87 17.09 15.13 -4.64
CA LEU A 87 18.32 15.90 -4.80
C LEU A 87 18.06 17.25 -5.50
N SER A 88 17.04 17.34 -6.37
CA SER A 88 16.75 18.58 -7.05
C SER A 88 16.10 19.61 -6.09
N HIS A 89 15.48 19.13 -5.03
CA HIS A 89 14.86 19.99 -3.99
C HIS A 89 15.75 20.26 -2.77
N ALA A 90 16.85 19.51 -2.61
CA ALA A 90 17.70 19.62 -1.41
C ALA A 90 18.56 20.91 -1.41
N HIS A 91 18.97 21.36 -0.23
CA HIS A 91 19.95 22.44 -0.15
C HIS A 91 21.31 21.90 -0.61
N PRO A 92 21.86 22.49 -1.67
CA PRO A 92 23.17 22.03 -2.14
C PRO A 92 24.33 22.61 -1.32
N LEU A 93 25.51 22.04 -1.42
CA LEU A 93 26.68 22.69 -0.83
C LEU A 93 27.20 23.73 -1.83
N PRO A 94 27.92 24.75 -1.37
CA PRO A 94 28.41 25.75 -2.33
C PRO A 94 29.33 25.13 -3.38
N ALA A 95 29.40 25.75 -4.55
CA ALA A 95 30.20 25.19 -5.66
C ALA A 95 31.66 25.10 -5.31
N ASP A 96 32.30 24.03 -5.79
CA ASP A 96 33.71 23.76 -5.57
C ASP A 96 34.11 23.63 -4.11
N THR A 97 33.21 23.15 -3.25
CA THR A 97 33.59 22.92 -1.86
C THR A 97 33.64 21.46 -1.46
N VAL A 98 33.24 20.55 -2.34
CA VAL A 98 33.30 19.13 -2.08
C VAL A 98 34.34 18.54 -3.04
N PRO A 99 35.44 17.96 -2.51
CA PRO A 99 36.44 17.33 -3.37
C PRO A 99 35.81 16.29 -4.25
N ASP A 100 36.37 16.04 -5.42
CA ASP A 100 35.81 15.10 -6.37
C ASP A 100 35.85 13.65 -5.89
N ASP A 101 36.70 13.38 -4.90
CA ASP A 101 36.90 12.05 -4.38
C ASP A 101 36.38 11.92 -2.97
N ALA A 102 35.45 12.79 -2.57
CA ALA A 102 34.85 12.67 -1.26
C ALA A 102 34.02 11.39 -1.16
N VAL A 103 33.96 10.79 0.02
CA VAL A 103 33.22 9.55 0.27
C VAL A 103 32.16 9.69 1.36
N ASP A 104 31.13 8.84 1.27
CA ASP A 104 30.10 8.68 2.29
C ASP A 104 30.27 7.32 2.95
N VAL A 105 29.84 7.26 4.19
CA VAL A 105 29.73 6.01 4.94
C VAL A 105 28.39 6.03 5.67
N VAL A 106 27.43 5.26 5.15
CA VAL A 106 26.06 5.42 5.58
C VAL A 106 25.20 4.23 5.19
N GLY A 107 24.18 3.98 6.01
CA GLY A 107 23.26 2.88 5.82
C GLY A 107 21.80 3.23 5.86
N THR A 108 20.99 2.29 5.40
CA THR A 108 19.53 2.42 5.52
C THR A 108 19.03 2.42 6.96
N GLY A 109 19.79 1.81 7.86
CA GLY A 109 19.27 1.40 9.15
C GLY A 109 18.12 0.41 9.00
N GLY A 110 17.35 0.23 10.07
CA GLY A 110 16.24 -0.70 10.03
C GLY A 110 16.65 -2.16 10.08
N ASP A 111 17.87 -2.44 10.54
CA ASP A 111 18.29 -3.83 10.70
C ASP A 111 17.76 -4.45 12.00
N GLY A 112 17.13 -3.66 12.86
CA GLY A 112 16.43 -4.19 14.03
C GLY A 112 17.32 -4.87 15.04
N VAL A 113 18.61 -4.54 15.00
CA VAL A 113 19.59 -4.97 15.99
C VAL A 113 20.27 -3.70 16.41
N ASN A 114 20.16 -3.35 17.68
CA ASN A 114 20.81 -2.15 18.20
CA ASN A 114 20.82 -2.14 18.17
C ASN A 114 22.33 -2.35 18.27
N THR A 115 23.06 -1.81 17.30
CA THR A 115 24.52 -1.91 17.30
C THR A 115 25.17 -0.60 17.66
N VAL A 116 26.48 -0.65 17.90
CA VAL A 116 27.30 0.56 17.96
C VAL A 116 27.25 1.23 16.58
N ASN A 117 27.71 2.47 16.54
CA ASN A 117 27.57 3.30 15.37
C ASN A 117 28.75 3.05 14.47
N LEU A 118 28.71 1.93 13.78
CA LEU A 118 29.86 1.53 12.98
C LEU A 118 30.20 2.47 11.83
N SER A 119 29.18 3.01 11.14
CA SER A 119 29.44 3.87 10.02
C SER A 119 30.09 5.18 10.49
N THR A 120 29.57 5.75 11.58
CA THR A 120 30.15 6.95 12.12
C THR A 120 31.63 6.83 12.57
N MET A 121 31.96 5.73 13.24
CA MET A 121 33.29 5.47 13.71
C MET A 121 34.20 5.28 12.51
N ALA A 122 33.70 4.52 11.55
CA ALA A 122 34.47 4.29 10.32
C ALA A 122 34.70 5.60 9.56
N ALA A 123 33.69 6.45 9.50
CA ALA A 123 33.83 7.74 8.83
C ALA A 123 34.97 8.60 9.43
N ILE A 124 35.05 8.66 10.76
CA ILE A 124 36.14 9.39 11.46
C ILE A 124 37.52 8.85 11.09
N VAL A 125 37.64 7.52 11.10
CA VAL A 125 38.89 6.82 10.76
C VAL A 125 39.32 7.07 9.31
N VAL A 126 38.37 6.96 8.38
CA VAL A 126 38.60 7.23 6.96
C VAL A 126 39.05 8.68 6.71
N ALA A 127 38.40 9.66 7.35
CA ALA A 127 38.84 11.03 7.22
C ALA A 127 40.26 11.20 7.74
N ALA A 128 40.58 10.56 8.85
CA ALA A 128 41.89 10.69 9.46
C ALA A 128 42.96 10.02 8.59
N ALA A 129 42.54 9.05 7.80
CA ALA A 129 43.46 8.45 6.80
C ALA A 129 43.70 9.36 5.61
N GLY A 130 42.99 10.48 5.50
CA GLY A 130 43.24 11.46 4.45
C GLY A 130 42.23 11.40 3.31
N VAL A 131 41.22 10.55 3.43
CA VAL A 131 40.12 10.54 2.47
C VAL A 131 39.03 11.52 2.91
N PRO A 132 38.73 12.53 2.09
CA PRO A 132 37.64 13.45 2.52
C PRO A 132 36.32 12.73 2.67
N VAL A 133 35.59 13.03 3.77
CA VAL A 133 34.35 12.34 4.06
C VAL A 133 33.27 13.37 4.25
N VAL A 134 32.17 13.23 3.51
CA VAL A 134 30.97 14.03 3.80
C VAL A 134 29.85 13.04 4.08
N LYS A 135 29.53 12.88 5.36
CA LYS A 135 28.59 11.88 5.76
C LYS A 135 27.16 12.43 5.85
N HIS A 136 26.21 11.67 5.30
CA HIS A 136 24.79 11.96 5.44
C HIS A 136 24.29 11.13 6.59
N GLY A 137 23.37 11.64 7.39
CA GLY A 137 22.85 10.82 8.43
C GLY A 137 21.62 11.40 9.09
N ASN A 138 21.09 10.63 10.00
CA ASN A 138 19.92 11.02 10.78
C ASN A 138 20.01 10.53 12.23
N ARG A 139 19.11 11.04 13.06
CA ARG A 139 18.81 10.40 14.34
C ARG A 139 18.10 9.08 14.12
N ALA A 140 18.00 8.27 15.18
CA ALA A 140 17.39 6.93 15.09
C ALA A 140 15.91 6.90 15.48
N LEU A 144 18.06 3.23 22.03
CA LEU A 144 18.77 3.29 20.75
C LEU A 144 19.35 4.69 20.47
N SER A 145 20.31 4.75 19.54
CA SER A 145 21.06 5.96 19.27
C SER A 145 21.61 5.88 17.86
N GLY A 146 21.10 6.74 16.98
CA GLY A 146 21.60 6.82 15.61
C GLY A 146 22.92 7.59 15.53
N GLY A 147 23.52 7.55 14.36
CA GLY A 147 24.76 8.29 14.11
C GLY A 147 24.69 9.74 14.59
N ALA A 148 23.61 10.42 14.24
CA ALA A 148 23.49 11.84 14.56
C ALA A 148 23.36 12.07 16.06
N ASP A 149 22.62 11.19 16.74
CA ASP A 149 22.51 11.19 18.21
C ASP A 149 23.89 11.00 18.88
N THR A 150 24.68 10.06 18.36
CA THR A 150 25.98 9.76 18.94
C THR A 150 26.98 10.91 18.69
N LEU A 151 26.97 11.48 17.49
CA LEU A 151 27.81 12.66 17.19
C LEU A 151 27.49 13.82 18.14
N GLU A 152 26.20 14.08 18.32
CA GLU A 152 25.76 15.12 19.25
C GLU A 152 26.32 14.88 20.65
N ALA A 153 26.21 13.64 21.14
CA ALA A 153 26.71 13.26 22.45
C ALA A 153 28.22 13.38 22.60
N LEU A 154 28.97 13.17 21.51
CA LEU A 154 30.41 13.44 21.46
C LEU A 154 30.72 14.93 21.42
N GLY A 155 29.72 15.80 21.22
CA GLY A 155 29.94 17.24 21.17
C GLY A 155 30.19 17.79 19.78
N VAL A 156 30.03 16.94 18.76
CA VAL A 156 30.07 17.38 17.38
C VAL A 156 28.75 18.03 16.99
N ARG A 157 28.85 19.06 16.18
CA ARG A 157 27.66 19.76 15.69
C ARG A 157 27.01 19.03 14.54
N ILE A 158 25.73 18.72 14.73
CA ILE A 158 24.92 18.04 13.70
C ILE A 158 23.90 18.99 13.08
N ASP A 159 24.05 20.28 13.29
CA ASP A 159 23.04 21.25 12.87
C ASP A 159 23.59 22.25 11.87
N LEU A 160 24.71 21.96 11.24
CA LEU A 160 25.32 22.97 10.37
C LEU A 160 24.63 23.00 9.02
N GLY A 161 24.56 24.20 8.45
CA GLY A 161 24.04 24.40 7.10
C GLY A 161 25.11 24.20 6.05
N PRO A 162 24.77 24.40 4.78
CA PRO A 162 25.69 24.16 3.65
C PRO A 162 27.04 24.85 3.76
N ASP A 163 27.04 26.14 4.13
CA ASP A 163 28.29 26.88 4.24
C ASP A 163 29.20 26.31 5.31
N LEU A 164 28.66 25.97 6.46
CA LEU A 164 29.49 25.53 7.55
C LEU A 164 29.93 24.08 7.37
N VAL A 165 29.12 23.29 6.70
CA VAL A 165 29.53 21.91 6.41
C VAL A 165 30.72 21.95 5.44
N ALA A 166 30.67 22.83 4.45
CA ALA A 166 31.80 23.02 3.51
C ALA A 166 33.07 23.42 4.26
N ARG A 167 32.94 24.30 5.26
CA ARG A 167 34.10 24.67 6.06
C ARG A 167 34.58 23.57 6.99
N SER A 168 33.69 22.72 7.52
CA SER A 168 34.11 21.56 8.31
C SER A 168 34.99 20.68 7.43
N LEU A 169 34.50 20.43 6.22
CA LEU A 169 35.17 19.54 5.27
C LEU A 169 36.59 20.05 4.95
N ALA A 170 36.70 21.32 4.60
CA ALA A 170 37.97 21.96 4.29
C ALA A 170 38.90 21.99 5.51
N GLU A 171 38.36 22.36 6.68
CA GLU A 171 39.24 22.58 7.84
C GLU A 171 39.57 21.34 8.66
N VAL A 172 38.63 20.41 8.77
CA VAL A 172 38.76 19.23 9.62
C VAL A 172 39.02 17.97 8.79
N GLY A 173 38.51 17.93 7.56
CA GLY A 173 38.61 16.73 6.70
C GLY A 173 37.34 15.91 6.64
N ILE A 174 36.34 16.32 7.40
CA ILE A 174 35.06 15.63 7.49
C ILE A 174 33.93 16.64 7.73
N GLY A 175 32.79 16.34 7.13
CA GLY A 175 31.55 17.09 7.29
C GLY A 175 30.38 16.15 7.48
N PHE A 176 29.37 16.60 8.22
CA PHE A 176 28.14 15.82 8.47
C PHE A 176 26.94 16.60 8.01
N CYS A 177 26.17 16.02 7.09
CA CYS A 177 24.94 16.62 6.59
C CYS A 177 23.76 15.93 7.27
N PHE A 178 23.09 16.65 8.17
CA PHE A 178 21.96 16.14 8.88
C PHE A 178 20.73 16.16 7.97
N ALA A 179 20.11 15.00 7.75
CA ALA A 179 19.11 14.88 6.68
C ALA A 179 17.98 15.94 6.74
N PRO A 180 17.33 16.10 7.89
CA PRO A 180 16.27 17.11 8.03
C PRO A 180 16.66 18.54 7.70
N ARG A 181 17.92 18.89 7.94
CA ARG A 181 18.41 20.25 7.68
C ARG A 181 18.60 20.51 6.19
N PHE A 182 18.98 19.46 5.46
CA PHE A 182 19.20 19.58 4.04
C PHE A 182 18.02 19.20 3.16
N HIS A 183 17.07 18.45 3.69
CA HIS A 183 15.91 17.97 2.94
C HIS A 183 14.60 18.39 3.64
N PRO A 184 14.42 19.69 3.90
CA PRO A 184 13.23 20.06 4.67
C PRO A 184 11.88 19.72 4.00
N SER A 185 11.85 19.66 2.66
CA SER A 185 10.63 19.34 1.91
C SER A 185 10.21 17.89 1.97
N TYR A 186 11.09 17.02 2.49
CA TYR A 186 10.78 15.61 2.75
C TYR A 186 9.95 15.41 4.04
N ARG A 187 9.68 16.48 4.77
CA ARG A 187 8.98 16.32 6.01
C ARG A 187 7.68 15.53 5.88
N HIS A 188 6.94 15.69 4.79
CA HIS A 188 5.61 15.06 4.71
C HIS A 188 5.80 13.57 4.56
N ALA A 189 6.77 13.17 3.74
CA ALA A 189 7.11 11.76 3.58
C ALA A 189 7.69 11.15 4.85
N ALA A 190 8.57 11.87 5.54
CA ALA A 190 9.16 11.33 6.78
C ALA A 190 8.08 11.04 7.83
N ALA A 191 7.11 11.95 7.95
CA ALA A 191 5.96 11.71 8.83
C ALA A 191 5.22 10.40 8.50
N VAL A 192 4.87 10.21 7.25
CA VAL A 192 4.13 9.01 6.83
C VAL A 192 4.93 7.74 7.12
N ARG A 193 6.23 7.77 6.80
CA ARG A 193 7.11 6.62 7.04
C ARG A 193 6.98 6.17 8.48
N ALA A 194 6.98 7.16 9.37
CA ALA A 194 6.91 6.90 10.78
C ALA A 194 5.53 6.41 11.19
N GLU A 195 4.48 6.91 10.57
CA GLU A 195 3.10 6.48 10.92
C GLU A 195 2.83 5.04 10.57
N ILE A 196 3.35 4.57 9.45
CA ILE A 196 3.07 3.20 9.02
C ILE A 196 4.05 2.15 9.52
N GLY A 197 5.28 2.56 9.86
CA GLY A 197 6.25 1.68 10.50
C GLY A 197 6.91 0.67 9.58
N VAL A 198 6.13 -0.01 8.75
CA VAL A 198 6.69 -1.03 7.85
C VAL A 198 7.77 -0.39 6.95
N PRO A 199 8.91 -1.08 6.77
CA PRO A 199 9.86 -0.56 5.79
C PRO A 199 9.27 -0.53 4.39
N THR A 200 9.65 0.50 3.63
CA THR A 200 9.27 0.60 2.24
C THR A 200 10.47 1.08 1.42
N VAL A 201 10.21 1.28 0.13
CA VAL A 201 11.22 1.81 -0.83
C VAL A 201 11.77 3.14 -0.30
N PHE A 202 10.96 3.88 0.45
CA PHE A 202 11.49 5.12 1.02
C PHE A 202 12.69 4.91 1.96
N ASN A 203 12.79 3.76 2.60
CA ASN A 203 13.89 3.49 3.49
C ASN A 203 15.25 3.44 2.74
N LEU A 204 15.21 3.31 1.41
CA LEU A 204 16.43 3.36 0.57
C LEU A 204 17.01 4.75 0.32
N LEU A 205 16.21 5.80 0.60
CA LEU A 205 16.45 7.10 -0.02
C LEU A 205 17.51 7.96 0.69
N GLY A 206 17.60 7.81 2.01
CA GLY A 206 18.66 8.47 2.80
C GLY A 206 20.05 8.31 2.23
N PRO A 207 20.50 7.05 2.07
CA PRO A 207 21.83 6.85 1.54
C PRO A 207 22.00 7.27 0.08
N LEU A 208 20.92 7.36 -0.68
CA LEU A 208 20.97 7.78 -2.06
C LEU A 208 20.87 9.28 -2.27
N THR A 209 20.65 10.06 -1.19
CA THR A 209 20.37 11.50 -1.34
C THR A 209 21.27 12.44 -0.49
N ASN A 210 22.53 12.04 -0.33
CA ASN A 210 23.53 12.91 0.29
C ASN A 210 23.60 14.22 -0.52
N PRO A 211 23.28 15.36 0.13
CA PRO A 211 23.19 16.61 -0.63
C PRO A 211 24.50 17.11 -1.23
N ALA A 212 25.64 16.66 -0.68
CA ALA A 212 26.97 17.01 -1.17
C ALA A 212 27.32 16.17 -2.37
N ARG A 213 26.51 15.14 -2.62
CA ARG A 213 26.66 14.29 -3.81
C ARG A 213 28.06 13.71 -3.99
N PRO A 214 28.66 13.16 -2.94
CA PRO A 214 29.95 12.49 -3.16
C PRO A 214 29.79 11.32 -4.12
N ARG A 215 30.88 10.95 -4.80
CA ARG A 215 30.86 9.95 -5.85
CA ARG A 215 30.78 9.91 -5.83
C ARG A 215 31.26 8.54 -5.37
N ALA A 216 31.72 8.43 -4.13
CA ALA A 216 32.13 7.10 -3.60
C ALA A 216 31.46 6.90 -2.24
N GLY A 217 31.36 5.64 -1.83
CA GLY A 217 30.74 5.34 -0.58
C GLY A 217 30.77 3.90 -0.17
N LEU A 218 30.68 3.67 1.14
CA LEU A 218 30.37 2.35 1.70
C LEU A 218 28.94 2.46 2.16
N ILE A 219 28.05 1.72 1.51
CA ILE A 219 26.62 1.94 1.71
C ILE A 219 25.95 0.70 2.27
N GLY A 220 25.41 0.81 3.46
CA GLY A 220 24.71 -0.29 4.11
C GLY A 220 23.24 -0.38 3.75
N CYS A 221 22.78 -1.61 3.57
CA CYS A 221 21.38 -1.89 3.23
C CYS A 221 20.89 -3.06 4.08
N ALA A 222 19.94 -2.77 4.96
CA ALA A 222 19.34 -3.77 5.82
C ALA A 222 18.50 -4.81 5.06
N PHE A 223 18.04 -4.44 3.86
CA PHE A 223 17.04 -5.26 3.16
C PHE A 223 17.71 -5.98 2.00
N ALA A 224 17.95 -7.29 2.16
CA ALA A 224 18.74 -8.04 1.18
C ALA A 224 18.14 -7.97 -0.23
N ASP A 225 16.82 -7.98 -0.29
CA ASP A 225 16.09 -7.98 -1.56
C ASP A 225 16.08 -6.62 -2.29
N LEU A 226 16.49 -5.53 -1.63
CA LEU A 226 16.57 -4.19 -2.24
C LEU A 226 18.00 -3.66 -2.49
N ALA A 227 18.99 -4.37 -1.97
CA ALA A 227 20.36 -3.91 -2.11
C ALA A 227 20.79 -3.82 -3.56
N GLU A 228 20.35 -4.77 -4.38
CA GLU A 228 20.79 -4.77 -5.78
C GLU A 228 20.24 -3.55 -6.51
N VAL A 229 18.99 -3.18 -6.19
CA VAL A 229 18.34 -2.00 -6.75
C VAL A 229 19.08 -0.74 -6.31
N MET A 230 19.48 -0.65 -5.04
CA MET A 230 20.30 0.50 -4.59
C MET A 230 21.58 0.58 -5.39
N ALA A 231 22.24 -0.57 -5.55
CA ALA A 231 23.45 -0.61 -6.36
C ALA A 231 23.24 -0.09 -7.78
N GLY A 232 22.13 -0.48 -8.39
CA GLY A 232 21.77 -0.03 -9.74
C GLY A 232 21.64 1.47 -9.82
N VAL A 233 21.05 2.09 -8.81
CA VAL A 233 21.00 3.54 -8.79
C VAL A 233 22.40 4.23 -8.80
N PHE A 234 23.29 3.75 -7.96
CA PHE A 234 24.63 4.26 -7.84
C PHE A 234 25.37 4.00 -9.14
N ALA A 235 25.12 2.82 -9.70
CA ALA A 235 25.71 2.46 -11.00
C ALA A 235 25.31 3.48 -12.08
N ALA A 236 24.03 3.84 -12.14
CA ALA A 236 23.51 4.78 -13.17
C ALA A 236 24.21 6.16 -13.08
N ARG A 237 24.51 6.58 -11.84
CA ARG A 237 25.24 7.82 -11.58
C ARG A 237 26.72 7.72 -11.75
N ARG A 238 27.22 6.54 -12.10
CA ARG A 238 28.67 6.33 -12.19
C ARG A 238 29.41 6.56 -10.86
N SER A 239 28.80 6.21 -9.74
CA SER A 239 29.49 6.23 -8.46
C SER A 239 30.37 5.01 -8.28
N SER A 240 31.38 5.13 -7.41
CA SER A 240 32.16 3.97 -6.94
C SER A 240 31.77 3.65 -5.51
N VAL A 241 30.96 2.59 -5.37
CA VAL A 241 30.31 2.24 -4.13
C VAL A 241 30.37 0.74 -3.87
N LEU A 242 30.44 0.38 -2.60
CA LEU A 242 30.18 -1.00 -2.16
C LEU A 242 28.89 -0.92 -1.40
N VAL A 243 27.83 -1.56 -1.90
CA VAL A 243 26.58 -1.69 -1.18
C VAL A 243 26.70 -2.97 -0.36
N VAL A 244 26.53 -2.87 0.94
CA VAL A 244 26.81 -4.02 1.82
C VAL A 244 25.64 -4.41 2.68
N HIS A 245 25.46 -5.73 2.79
CA HIS A 245 24.48 -6.34 3.67
C HIS A 245 25.12 -7.52 4.40
N GLY A 246 25.23 -7.41 5.73
CA GLY A 246 25.76 -8.48 6.56
C GLY A 246 24.80 -9.66 6.46
N ASP A 247 25.33 -10.87 6.32
CA ASP A 247 24.45 -12.04 6.19
C ASP A 247 23.77 -12.42 7.49
N ASP A 248 24.10 -11.68 8.56
CA ASP A 248 23.38 -11.70 9.84
C ASP A 248 22.27 -10.64 9.92
N GLY A 249 22.07 -9.88 8.85
CA GLY A 249 21.06 -8.85 8.82
C GLY A 249 21.56 -7.41 8.93
N LEU A 250 22.79 -7.19 9.39
CA LEU A 250 23.26 -5.82 9.61
C LEU A 250 23.42 -5.02 8.32
N ASP A 251 23.11 -3.72 8.40
CA ASP A 251 23.41 -2.80 7.30
C ASP A 251 24.85 -2.26 7.37
N GLU A 252 25.77 -3.17 7.64
CA GLU A 252 27.20 -2.86 7.80
C GLU A 252 27.94 -4.09 7.31
N LEU A 253 29.23 -3.96 7.08
CA LEU A 253 30.05 -5.17 6.94
C LEU A 253 30.20 -5.74 8.32
N THR A 254 29.71 -6.97 8.50
CA THR A 254 29.77 -7.67 9.76
C THR A 254 31.08 -8.47 9.99
N THR A 255 31.35 -8.75 11.27
CA THR A 255 32.44 -9.65 11.70
C THR A 255 31.89 -10.96 12.27
N THR A 256 30.58 -11.04 12.27
CA THR A 256 29.81 -12.11 12.87
C THR A 256 29.71 -13.31 11.92
N THR A 257 29.87 -13.02 10.63
CA THR A 257 29.69 -13.99 9.55
C THR A 257 30.09 -13.28 8.24
N THR A 258 29.76 -13.87 7.09
CA THR A 258 29.99 -13.21 5.79
C THR A 258 29.03 -12.03 5.54
N SER A 259 29.39 -11.22 4.56
CA SER A 259 28.57 -10.13 4.03
C SER A 259 28.43 -10.25 2.52
N THR A 260 27.24 -9.90 2.03
CA THR A 260 27.03 -9.72 0.62
C THR A 260 27.35 -8.30 0.23
N ILE A 261 28.16 -8.16 -0.82
CA ILE A 261 28.59 -6.86 -1.30
C ILE A 261 28.23 -6.74 -2.77
N TRP A 262 27.48 -5.69 -3.10
CA TRP A 262 27.25 -5.34 -4.49
C TRP A 262 28.28 -4.28 -4.84
N ARG A 263 29.29 -4.67 -5.61
CA ARG A 263 30.41 -3.80 -5.97
CA ARG A 263 30.38 -3.79 -5.95
C ARG A 263 30.00 -2.99 -7.19
N VAL A 264 30.02 -1.66 -7.07
CA VAL A 264 29.64 -0.77 -8.16
C VAL A 264 30.88 -0.02 -8.61
N ALA A 265 31.25 -0.22 -9.87
CA ALA A 265 32.31 0.54 -10.48
C ALA A 265 32.13 0.54 -12.01
N ALA A 266 32.52 1.65 -12.65
CA ALA A 266 32.45 1.78 -14.11
C ALA A 266 31.05 1.55 -14.67
N GLY A 267 30.02 1.95 -13.93
CA GLY A 267 28.65 1.84 -14.41
C GLY A 267 28.04 0.47 -14.27
N SER A 268 28.79 -0.47 -13.69
CA SER A 268 28.34 -1.86 -13.57
C SER A 268 28.48 -2.40 -12.15
N VAL A 269 27.65 -3.40 -11.89
CA VAL A 269 27.44 -3.99 -10.59
C VAL A 269 27.76 -5.47 -10.67
N ASP A 270 28.56 -5.98 -9.73
CA ASP A 270 28.63 -7.42 -9.55
C ASP A 270 28.64 -7.84 -8.09
N LYS A 271 28.05 -8.99 -7.87
CA LYS A 271 27.68 -9.42 -6.56
C LYS A 271 28.79 -10.35 -6.03
N LEU A 272 29.29 -10.04 -4.84
CA LEU A 272 30.30 -10.85 -4.16
C LEU A 272 29.83 -11.20 -2.76
N THR A 273 30.43 -12.23 -2.18
CA THR A 273 30.28 -12.55 -0.76
C THR A 273 31.65 -12.26 -0.16
N PHE A 274 31.68 -11.53 0.96
CA PHE A 274 32.92 -11.15 1.62
C PHE A 274 33.04 -11.89 2.95
N ASP A 275 34.20 -12.50 3.17
CA ASP A 275 34.52 -13.19 4.43
C ASP A 275 35.75 -12.59 5.12
N PRO A 276 35.55 -11.89 6.23
CA PRO A 276 36.62 -11.28 7.04
C PRO A 276 37.71 -12.27 7.52
N ALA A 277 37.34 -13.53 7.69
CA ALA A 277 38.32 -14.56 8.00
C ALA A 277 39.43 -14.60 6.96
N GLY A 278 39.11 -14.24 5.72
CA GLY A 278 40.11 -14.17 4.65
C GLY A 278 41.22 -13.14 4.92
N PHE A 279 40.96 -12.20 5.82
CA PHE A 279 41.94 -11.15 6.15
C PHE A 279 42.35 -11.26 7.63
N GLY A 280 42.15 -12.44 8.22
CA GLY A 280 42.61 -12.74 9.56
C GLY A 280 41.66 -12.36 10.69
N PHE A 281 40.45 -11.91 10.40
CA PHE A 281 39.52 -11.51 11.48
C PHE A 281 38.81 -12.72 12.06
N ALA A 282 38.77 -12.78 13.39
CA ALA A 282 38.03 -13.82 14.10
C ALA A 282 36.53 -13.53 14.05
N ARG A 283 35.72 -14.58 14.09
CA ARG A 283 34.27 -14.43 14.20
C ARG A 283 33.93 -13.81 15.56
N ALA A 284 33.06 -12.82 15.54
CA ALA A 284 32.50 -12.26 16.75
C ALA A 284 31.05 -12.71 16.88
N GLN A 285 30.51 -12.57 18.08
CA GLN A 285 29.09 -12.70 18.35
C GLN A 285 28.46 -11.35 18.17
N LEU A 286 27.20 -11.38 17.73
CA LEU A 286 26.43 -10.16 17.55
C LEU A 286 26.28 -9.33 18.82
N ASP A 287 26.12 -9.97 19.97
CA ASP A 287 26.01 -9.21 21.23
C ASP A 287 27.27 -8.40 21.55
N GLN A 288 28.41 -8.82 21.02
CA GLN A 288 29.64 -8.04 21.20
C GLN A 288 29.57 -6.68 20.48
N LEU A 289 28.65 -6.54 19.52
CA LEU A 289 28.52 -5.31 18.73
C LEU A 289 27.34 -4.46 19.18
N ALA A 290 26.69 -4.84 20.27
CA ALA A 290 25.40 -4.24 20.62
C ALA A 290 25.62 -2.85 21.18
N GLY A 291 24.68 -1.95 20.91
CA GLY A 291 24.82 -0.57 21.31
C GLY A 291 23.94 -0.33 22.50
N GLY A 292 23.92 0.92 22.95
CA GLY A 292 23.01 1.36 24.00
C GLY A 292 22.52 2.76 23.71
N ASP A 293 22.33 3.55 24.74
CA ASP A 293 21.92 4.94 24.55
C ASP A 293 23.06 5.78 24.00
N ALA A 294 22.77 7.04 23.69
CA ALA A 294 23.75 7.89 23.03
C ALA A 294 25.01 8.03 23.85
N GLN A 295 24.88 8.12 25.18
CA GLN A 295 26.06 8.26 26.04
C GLN A 295 26.93 7.01 25.99
N ALA A 296 26.29 5.85 26.04
CA ALA A 296 27.02 4.59 25.92
C ALA A 296 27.73 4.46 24.56
N ASN A 297 27.04 4.84 23.50
CA ASN A 297 27.61 4.75 22.15
C ASN A 297 28.72 5.77 21.95
N ALA A 298 28.59 6.96 22.54
CA ALA A 298 29.69 7.92 22.52
C ALA A 298 30.93 7.35 23.23
N ALA A 299 30.70 6.71 24.38
CA ALA A 299 31.81 6.07 25.10
C ALA A 299 32.47 5.00 24.24
N ALA A 300 31.67 4.28 23.46
CA ALA A 300 32.22 3.21 22.61
C ALA A 300 33.12 3.77 21.52
N VAL A 301 32.74 4.93 20.96
CA VAL A 301 33.55 5.64 19.96
C VAL A 301 34.89 6.04 20.58
N ARG A 302 34.81 6.69 21.74
CA ARG A 302 36.03 7.09 22.45
C ARG A 302 36.95 5.88 22.75
N ALA A 303 36.38 4.76 23.18
CA ALA A 303 37.20 3.59 23.49
C ALA A 303 37.90 3.09 22.22
N VAL A 304 37.20 3.03 21.08
CA VAL A 304 37.86 2.54 19.85
C VAL A 304 38.95 3.52 19.40
N LEU A 305 38.65 4.81 19.43
CA LEU A 305 39.59 5.80 18.94
C LEU A 305 40.82 5.89 19.85
N GLY A 306 40.64 5.46 21.10
CA GLY A 306 41.71 5.42 22.10
C GLY A 306 42.63 4.21 22.00
N GLY A 307 42.27 3.27 21.14
CA GLY A 307 43.11 2.12 20.80
C GLY A 307 42.71 0.82 21.47
N ALA A 308 41.52 0.74 22.05
CA ALA A 308 41.03 -0.51 22.65
C ALA A 308 40.88 -1.61 21.60
N ARG A 309 41.46 -2.79 21.87
CA ARG A 309 41.34 -3.91 20.95
C ARG A 309 40.02 -4.59 21.24
N GLY A 310 39.60 -5.46 20.33
CA GLY A 310 38.39 -6.22 20.57
C GLY A 310 37.48 -6.13 19.38
N PRO A 311 36.29 -6.71 19.52
CA PRO A 311 35.50 -6.91 18.31
C PRO A 311 34.97 -5.61 17.70
N VAL A 312 34.73 -4.59 18.51
CA VAL A 312 34.24 -3.35 17.96
C VAL A 312 35.28 -2.70 17.05
N ARG A 313 36.51 -2.61 17.53
CA ARG A 313 37.63 -2.12 16.73
C ARG A 313 37.68 -2.89 15.43
N ASP A 314 37.61 -4.22 15.51
CA ASP A 314 37.70 -5.03 14.29
C ASP A 314 36.67 -4.62 13.25
N ALA A 315 35.42 -4.45 13.70
CA ALA A 315 34.33 -4.07 12.82
C ALA A 315 34.50 -2.65 12.27
N VAL A 316 35.00 -1.72 13.08
CA VAL A 316 35.32 -0.37 12.59
C VAL A 316 36.41 -0.38 11.52
N VAL A 317 37.48 -1.12 11.76
CA VAL A 317 38.61 -1.20 10.81
C VAL A 317 38.17 -1.81 9.48
N LEU A 318 37.39 -2.88 9.59
CA LEU A 318 36.80 -3.50 8.41
C LEU A 318 35.90 -2.56 7.59
N ASN A 319 35.02 -1.80 8.24
CA ASN A 319 34.18 -0.88 7.53
C ASN A 319 34.94 0.33 7.00
N ALA A 320 35.94 0.81 7.75
CA ALA A 320 36.74 1.92 7.29
C ALA A 320 37.49 1.45 6.03
N ALA A 321 38.05 0.26 6.09
CA ALA A 321 38.73 -0.27 4.88
C ALA A 321 37.85 -0.35 3.63
N GLY A 322 36.61 -0.77 3.80
CA GLY A 322 35.64 -0.84 2.70
C GLY A 322 35.39 0.49 2.05
N ALA A 323 35.23 1.53 2.86
CA ALA A 323 35.07 2.86 2.35
C ALA A 323 36.29 3.33 1.57
N ILE A 324 37.48 2.95 2.05
CA ILE A 324 38.72 3.25 1.37
C ILE A 324 38.85 2.46 0.04
N VAL A 325 38.38 1.23 0.03
CA VAL A 325 38.32 0.48 -1.25
C VAL A 325 37.37 1.15 -2.27
N ALA A 326 36.19 1.60 -1.82
CA ALA A 326 35.28 2.34 -2.67
C ALA A 326 35.98 3.58 -3.22
N HIS A 327 36.75 4.28 -2.37
CA HIS A 327 37.46 5.48 -2.79
C HIS A 327 38.48 5.15 -3.90
N ALA A 328 39.20 4.05 -3.70
CA ALA A 328 40.22 3.59 -4.68
C ALA A 328 39.56 3.27 -6.03
N GLY A 329 38.34 2.77 -5.95
CA GLY A 329 37.57 2.38 -7.12
C GLY A 329 37.21 3.54 -8.03
N LEU A 330 37.32 4.78 -7.55
CA LEU A 330 37.18 5.94 -8.40
C LEU A 330 38.24 5.96 -9.49
N SER A 331 39.37 5.30 -9.26
CA SER A 331 40.37 5.01 -10.30
C SER A 331 40.18 3.61 -10.87
N SER A 332 40.09 3.51 -12.19
CA SER A 332 39.95 2.20 -12.88
C SER A 332 41.19 1.29 -12.74
N ARG A 333 42.27 1.83 -12.17
CA ARG A 333 43.48 1.07 -11.88
C ARG A 333 43.34 0.09 -10.69
N ALA A 334 42.33 0.29 -9.86
CA ALA A 334 42.16 -0.46 -8.61
C ALA A 334 42.05 -1.98 -8.80
N GLU A 335 42.68 -2.74 -7.89
CA GLU A 335 42.61 -4.23 -7.83
C GLU A 335 42.13 -4.65 -6.44
N TRP A 336 41.21 -5.63 -6.37
CA TRP A 336 40.42 -5.92 -5.16
C TRP A 336 41.22 -6.34 -3.91
N LEU A 337 42.09 -7.33 -4.03
CA LEU A 337 42.83 -7.79 -2.84
C LEU A 337 43.91 -6.82 -2.38
N PRO A 338 44.72 -6.27 -3.29
CA PRO A 338 45.62 -5.21 -2.83
C PRO A 338 44.87 -4.02 -2.21
N ALA A 339 43.70 -3.69 -2.77
CA ALA A 339 42.91 -2.56 -2.30
C ALA A 339 42.48 -2.77 -0.86
N TRP A 340 41.99 -3.96 -0.55
CA TRP A 340 41.54 -4.31 0.80
C TRP A 340 42.72 -4.33 1.78
N GLU A 341 43.87 -4.85 1.35
CA GLU A 341 45.04 -4.88 2.22
C GLU A 341 45.57 -3.48 2.52
N GLU A 342 45.53 -2.59 1.54
CA GLU A 342 45.94 -1.22 1.75
C GLU A 342 44.92 -0.49 2.61
N GLY A 343 43.64 -0.71 2.33
CA GLY A 343 42.54 -0.15 3.19
C GLY A 343 42.66 -0.53 4.67
N LEU A 344 42.94 -1.80 4.93
CA LEU A 344 43.06 -2.29 6.28
C LEU A 344 44.30 -1.70 6.97
N ARG A 345 45.41 -1.64 6.25
CA ARG A 345 46.64 -0.99 6.73
C ARG A 345 46.36 0.47 7.13
N ARG A 346 45.72 1.17 6.23
CA ARG A 346 45.51 2.61 6.37
C ARG A 346 44.55 2.89 7.52
N ALA A 347 43.49 2.11 7.59
CA ALA A 347 42.50 2.27 8.69
C ALA A 347 43.14 1.99 10.05
N SER A 348 43.88 0.89 10.12
CA SER A 348 44.58 0.51 11.37
C SER A 348 45.58 1.56 11.81
N ALA A 349 46.36 2.07 10.86
CA ALA A 349 47.36 3.10 11.18
C ALA A 349 46.70 4.40 11.67
N ALA A 350 45.59 4.78 11.05
CA ALA A 350 44.85 6.02 11.43
C ALA A 350 44.37 5.97 12.88
N ILE A 351 43.99 4.78 13.35
CA ILE A 351 43.68 4.62 14.77
C ILE A 351 44.95 4.61 15.62
N ASP A 352 45.93 3.81 15.21
CA ASP A 352 47.08 3.55 16.07
C ASP A 352 48.02 4.75 16.26
N THR A 353 48.08 5.64 15.28
CA THR A 353 48.97 6.78 15.34
C THR A 353 48.28 7.84 16.20
N GLY A 354 47.01 7.62 16.50
CA GLY A 354 46.21 8.64 17.20
C GLY A 354 45.55 9.65 16.29
N ALA A 355 45.77 9.55 14.98
CA ALA A 355 45.16 10.46 14.00
C ALA A 355 43.62 10.52 14.10
N ALA A 356 42.97 9.37 14.26
CA ALA A 356 41.51 9.32 14.32
C ALA A 356 41.01 10.03 15.58
N GLU A 357 41.63 9.73 16.72
CA GLU A 357 41.27 10.39 17.99
C GLU A 357 41.44 11.90 17.90
N GLN A 358 42.56 12.32 17.33
CA GLN A 358 42.85 13.76 17.19
C GLN A 358 41.88 14.42 16.23
N LEU A 359 41.53 13.75 15.14
CA LEU A 359 40.55 14.31 14.21
C LEU A 359 39.20 14.61 14.90
N LEU A 360 38.72 13.68 15.72
CA LEU A 360 37.48 13.90 16.47
C LEU A 360 37.61 15.10 17.38
N ALA A 361 38.69 15.19 18.17
CA ALA A 361 38.92 16.40 19.01
C ALA A 361 38.92 17.69 18.20
N ARG A 362 39.60 17.70 17.08
CA ARG A 362 39.60 18.88 16.22
C ARG A 362 38.24 19.22 15.64
N TRP A 363 37.43 18.20 15.36
CA TRP A 363 36.08 18.41 14.81
C TRP A 363 35.18 19.06 15.88
N VAL A 364 35.31 18.58 17.11
CA VAL A 364 34.56 19.16 18.25
C VAL A 364 34.98 20.63 18.45
N ARG A 365 36.27 20.87 18.47
CA ARG A 365 36.80 22.22 18.63
C ARG A 365 36.33 23.15 17.51
N PHE A 366 36.36 22.67 16.28
CA PHE A 366 35.85 23.43 15.15
C PHE A 366 34.43 23.93 15.39
N GLY A 367 33.59 23.07 15.95
CA GLY A 367 32.20 23.38 16.10
C GLY A 367 31.98 24.37 17.23
N ARG A 368 32.74 24.18 18.31
CA ARG A 368 32.69 25.10 19.46
C ARG A 368 33.13 26.54 19.14
N GLN A 369 33.95 26.74 18.11
CA GLN A 369 34.44 28.09 17.80
C GLN A 369 33.86 28.73 16.52
N ILE A 370 32.67 28.28 16.09
CA ILE A 370 31.98 28.93 14.96
C ILE A 370 31.34 30.24 15.40
N LEU A 371 31.38 31.25 14.52
CA LEU A 371 30.70 32.54 14.75
C LEU A 371 31.22 33.26 15.99
N VAL B 24 -0.27 -9.50 20.61
CA VAL B 24 0.88 -8.75 19.99
C VAL B 24 0.52 -7.72 18.87
N PRO B 25 -0.79 -7.45 18.59
CA PRO B 25 -1.08 -6.91 17.24
C PRO B 25 -0.65 -5.46 17.00
N SER B 26 -0.11 -5.18 15.82
CA SER B 26 0.31 -3.82 15.51
C SER B 26 0.30 -3.57 14.01
N TRP B 27 0.30 -2.29 13.63
CA TRP B 27 0.40 -1.92 12.23
C TRP B 27 1.68 -2.43 11.59
N PRO B 28 2.84 -2.19 12.23
CA PRO B 28 4.08 -2.68 11.61
C PRO B 28 4.07 -4.19 11.43
N GLN B 29 3.53 -4.91 12.38
CA GLN B 29 3.42 -6.36 12.29
C GLN B 29 2.48 -6.82 11.18
N ILE B 30 1.27 -6.29 11.17
CA ILE B 30 0.29 -6.70 10.13
C ILE B 30 0.72 -6.27 8.72
N LEU B 31 1.15 -5.03 8.58
CA LEU B 31 1.68 -4.53 7.28
C LEU B 31 2.91 -5.29 6.82
N GLY B 32 3.82 -5.60 7.75
CA GLY B 32 5.00 -6.39 7.43
C GLY B 32 4.63 -7.75 6.88
N ARG B 33 3.66 -8.39 7.52
CA ARG B 33 3.21 -9.70 7.07
C ARG B 33 2.59 -9.63 5.66
N LEU B 34 1.78 -8.60 5.43
CA LEU B 34 1.20 -8.39 4.11
C LEU B 34 2.26 -8.04 3.06
N THR B 35 3.19 -7.14 3.39
CA THR B 35 4.24 -6.80 2.41
C THR B 35 5.16 -7.98 2.17
N ASP B 36 5.20 -8.92 3.12
CA ASP B 36 5.93 -10.18 2.95
C ASP B 36 5.14 -11.20 2.11
N ASN B 37 3.98 -10.79 1.58
CA ASN B 37 3.13 -11.65 0.74
C ASN B 37 2.57 -12.86 1.51
N ARG B 38 2.31 -12.67 2.79
CA ARG B 38 1.81 -13.74 3.65
C ARG B 38 0.38 -13.49 4.08
N ASP B 39 -0.43 -14.54 4.06
CA ASP B 39 -1.79 -14.49 4.64
C ASP B 39 -1.71 -14.08 6.11
N LEU B 40 -2.70 -13.34 6.57
CA LEU B 40 -2.75 -12.94 7.97
C LEU B 40 -3.15 -14.12 8.87
N ALA B 41 -2.73 -14.05 10.13
CA ALA B 41 -3.23 -14.97 11.14
C ALA B 41 -4.69 -14.63 11.51
N ARG B 42 -5.43 -15.63 11.98
CA ARG B 42 -6.83 -15.47 12.39
C ARG B 42 -6.91 -14.30 13.35
N GLY B 43 -7.87 -13.42 13.12
CA GLY B 43 -8.06 -12.26 14.02
C GLY B 43 -7.32 -10.99 13.61
N GLN B 44 -6.24 -11.08 12.84
CA GLN B 44 -5.47 -9.86 12.48
C GLN B 44 -6.23 -8.90 11.56
N ALA B 45 -6.92 -9.43 10.54
CA ALA B 45 -7.71 -8.56 9.67
C ALA B 45 -8.79 -7.86 10.48
N ALA B 46 -9.40 -8.61 11.39
CA ALA B 46 -10.43 -8.09 12.27
C ALA B 46 -9.91 -6.94 13.16
N TRP B 47 -8.73 -7.11 13.73
CA TRP B 47 -8.09 -6.05 14.55
C TRP B 47 -7.87 -4.81 13.73
N ALA B 48 -7.33 -4.99 12.53
CA ALA B 48 -7.06 -3.86 11.64
C ALA B 48 -8.33 -3.08 11.31
N MET B 49 -9.38 -3.80 10.95
CA MET B 49 -10.60 -3.17 10.53
C MET B 49 -11.24 -2.44 11.70
N ASP B 50 -11.12 -3.02 12.89
CA ASP B 50 -11.71 -2.43 14.08
C ASP B 50 -11.00 -1.13 14.47
N GLN B 51 -9.68 -1.11 14.32
CA GLN B 51 -8.89 0.12 14.46
C GLN B 51 -9.43 1.18 13.51
N ILE B 52 -9.62 0.80 12.25
CA ILE B 52 -10.12 1.74 11.24
C ILE B 52 -11.52 2.25 11.61
N MET B 53 -12.36 1.37 12.13
CA MET B 53 -13.77 1.70 12.39
C MET B 53 -13.98 2.46 13.70
N THR B 54 -12.99 2.52 14.56
CA THR B 54 -13.10 3.18 15.87
C THR B 54 -12.36 4.51 15.86
N GLY B 55 -11.98 4.99 14.67
CA GLY B 55 -11.23 6.26 14.53
C GLY B 55 -9.82 6.25 15.10
N ASN B 56 -9.26 5.06 15.31
CA ASN B 56 -7.92 4.93 15.84
C ASN B 56 -6.82 4.71 14.82
N ALA B 57 -7.16 4.64 13.53
CA ALA B 57 -6.18 4.45 12.48
C ALA B 57 -5.98 5.77 11.74
N ARG B 58 -4.73 6.15 11.55
CA ARG B 58 -4.37 7.37 10.81
C ARG B 58 -4.67 7.15 9.31
N PRO B 59 -4.93 8.22 8.56
CA PRO B 59 -5.17 8.03 7.12
C PRO B 59 -4.08 7.23 6.41
N ALA B 60 -2.82 7.43 6.81
CA ALA B 60 -1.70 6.72 6.15
C ALA B 60 -1.76 5.22 6.45
N GLN B 61 -2.20 4.88 7.65
CA GLN B 61 -2.35 3.49 8.10
C GLN B 61 -3.51 2.80 7.36
N ILE B 62 -4.63 3.50 7.24
CA ILE B 62 -5.78 2.99 6.50
C ILE B 62 -5.37 2.69 5.05
N ALA B 63 -4.73 3.67 4.42
CA ALA B 63 -4.30 3.55 3.04
C ALA B 63 -3.28 2.42 2.85
N ALA B 64 -2.28 2.33 3.74
CA ALA B 64 -1.28 1.24 3.66
C ALA B 64 -1.95 -0.12 3.76
N PHE B 65 -2.89 -0.24 4.69
CA PHE B 65 -3.60 -1.50 4.87
C PHE B 65 -4.44 -1.91 3.65
N ALA B 66 -5.19 -0.96 3.12
CA ALA B 66 -6.08 -1.20 1.97
C ALA B 66 -5.25 -1.65 0.77
N VAL B 67 -4.12 -0.99 0.53
CA VAL B 67 -3.26 -1.33 -0.61
C VAL B 67 -2.59 -2.67 -0.41
N ALA B 68 -1.99 -2.86 0.76
CA ALA B 68 -1.28 -4.10 1.06
C ALA B 68 -2.19 -5.34 1.00
N MET B 69 -3.40 -5.18 1.50
CA MET B 69 -4.39 -6.26 1.52
C MET B 69 -4.94 -6.55 0.13
N THR B 70 -4.73 -5.65 -0.83
CA THR B 70 -5.15 -5.87 -2.21
C THR B 70 -4.02 -6.51 -2.99
N MET B 71 -2.80 -6.02 -2.79
CA MET B 71 -1.68 -6.57 -3.55
C MET B 71 -1.24 -7.93 -3.03
N LYS B 72 -1.47 -8.19 -1.75
CA LYS B 72 -1.42 -9.56 -1.22
C LYS B 72 -2.83 -10.06 -1.41
N ALA B 73 -3.06 -10.87 -2.43
CA ALA B 73 -4.42 -11.32 -2.77
C ALA B 73 -5.21 -11.72 -1.52
N PRO B 74 -6.35 -11.05 -1.25
CA PRO B 74 -7.04 -11.33 0.01
C PRO B 74 -7.79 -12.67 -0.03
N THR B 75 -7.94 -13.31 1.12
CA THR B 75 -8.60 -14.60 1.21
C THR B 75 -10.03 -14.39 1.68
N ALA B 76 -10.87 -15.39 1.46
CA ALA B 76 -12.24 -15.35 1.98
C ALA B 76 -12.31 -15.13 3.51
N ASP B 77 -11.45 -15.82 4.26
CA ASP B 77 -11.37 -15.64 5.73
C ASP B 77 -11.09 -14.17 6.11
N GLU B 78 -10.09 -13.58 5.45
CA GLU B 78 -9.68 -12.18 5.68
C GLU B 78 -10.79 -11.21 5.36
N VAL B 79 -11.37 -11.33 4.16
CA VAL B 79 -12.47 -10.46 3.77
C VAL B 79 -13.68 -10.67 4.72
N GLY B 80 -13.94 -11.92 5.09
CA GLY B 80 -15.02 -12.19 6.07
C GLY B 80 -14.82 -11.48 7.40
N GLU B 81 -13.56 -11.43 7.86
CA GLU B 81 -13.22 -10.72 9.11
C GLU B 81 -13.52 -9.23 8.95
N LEU B 82 -13.11 -8.66 7.83
CA LEU B 82 -13.36 -7.22 7.58
C LEU B 82 -14.85 -6.89 7.64
N ALA B 83 -15.66 -7.68 6.94
CA ALA B 83 -17.11 -7.46 6.85
C ALA B 83 -17.77 -7.68 8.20
N GLY B 84 -17.30 -8.70 8.93
CA GLY B 84 -17.79 -8.98 10.29
C GLY B 84 -17.64 -7.80 11.22
N VAL B 85 -16.45 -7.19 11.18
CA VAL B 85 -16.18 -6.02 12.03
C VAL B 85 -17.12 -4.91 11.70
N MET B 86 -17.26 -4.60 10.40
CA MET B 86 -18.23 -3.59 9.99
C MET B 86 -19.64 -3.91 10.45
N LEU B 87 -20.07 -5.16 10.27
CA LEU B 87 -21.43 -5.48 10.72
C LEU B 87 -21.54 -5.43 12.24
N SER B 88 -20.46 -5.75 12.96
CA SER B 88 -20.48 -5.67 14.42
C SER B 88 -20.68 -4.21 14.90
N HIS B 89 -20.31 -3.21 14.11
CA HIS B 89 -20.43 -1.78 14.46
C HIS B 89 -21.66 -1.07 13.86
N ALA B 90 -22.26 -1.67 12.84
CA ALA B 90 -23.38 -1.06 12.13
C ALA B 90 -24.66 -1.00 12.97
N HIS B 91 -25.54 -0.09 12.60
CA HIS B 91 -26.88 -0.07 13.19
C HIS B 91 -27.69 -1.22 12.62
N PRO B 92 -28.23 -2.09 13.48
CA PRO B 92 -29.03 -3.18 12.95
C PRO B 92 -30.46 -2.74 12.64
N LEU B 93 -31.23 -3.59 11.98
CA LEU B 93 -32.66 -3.35 11.93
C LEU B 93 -33.29 -3.95 13.20
N PRO B 94 -34.49 -3.50 13.56
CA PRO B 94 -35.05 -4.10 14.78
C PRO B 94 -35.36 -5.58 14.65
N ALA B 95 -35.30 -6.30 15.78
CA ALA B 95 -35.63 -7.73 15.82
C ALA B 95 -36.92 -8.08 15.09
N ASP B 96 -36.85 -9.16 14.31
CA ASP B 96 -37.99 -9.70 13.55
C ASP B 96 -38.61 -8.76 12.50
N THR B 97 -37.86 -7.79 11.98
CA THR B 97 -38.39 -6.90 10.95
C THR B 97 -37.90 -7.24 9.54
N VAL B 98 -36.98 -8.18 9.43
CA VAL B 98 -36.47 -8.60 8.14
C VAL B 98 -36.91 -10.06 7.95
N PRO B 99 -37.76 -10.33 6.95
CA PRO B 99 -38.19 -11.71 6.75
C PRO B 99 -37.01 -12.61 6.45
N ASP B 100 -37.08 -13.88 6.87
CA ASP B 100 -35.99 -14.86 6.72
C ASP B 100 -35.55 -15.03 5.26
N ASP B 101 -36.45 -14.70 4.34
CA ASP B 101 -36.24 -14.90 2.92
C ASP B 101 -36.02 -13.60 2.11
N ALA B 102 -35.62 -12.51 2.77
CA ALA B 102 -35.33 -11.27 2.05
C ALA B 102 -34.08 -11.42 1.16
N VAL B 103 -33.99 -10.65 0.09
CA VAL B 103 -32.90 -10.75 -0.88
C VAL B 103 -32.31 -9.35 -1.10
N ASP B 104 -31.04 -9.33 -1.46
CA ASP B 104 -30.35 -8.14 -1.90
C ASP B 104 -30.07 -8.28 -3.39
N VAL B 105 -29.97 -7.15 -4.08
CA VAL B 105 -29.59 -7.11 -5.49
C VAL B 105 -28.62 -5.95 -5.60
N VAL B 106 -27.35 -6.24 -5.81
CA VAL B 106 -26.30 -5.23 -5.58
C VAL B 106 -25.00 -5.70 -6.21
N GLY B 107 -24.15 -4.71 -6.56
CA GLY B 107 -22.84 -4.95 -7.14
C GLY B 107 -21.73 -4.11 -6.51
N THR B 108 -20.50 -4.53 -6.79
CA THR B 108 -19.33 -3.82 -6.30
C THR B 108 -19.23 -2.45 -6.99
N GLY B 109 -19.79 -2.36 -8.19
CA GLY B 109 -19.51 -1.24 -9.08
C GLY B 109 -18.08 -1.29 -9.59
N GLY B 110 -17.68 -0.23 -10.30
CA GLY B 110 -16.33 -0.12 -10.84
C GLY B 110 -16.03 -1.08 -11.98
N ASP B 111 -17.04 -1.48 -12.74
CA ASP B 111 -16.80 -2.27 -13.96
C ASP B 111 -16.27 -1.38 -15.08
N GLY B 112 -16.20 -0.08 -14.83
CA GLY B 112 -15.74 0.89 -15.81
C GLY B 112 -16.86 1.38 -16.72
N VAL B 113 -17.98 0.64 -16.76
CA VAL B 113 -19.03 0.86 -17.74
C VAL B 113 -20.20 1.64 -17.12
N ASN B 114 -20.41 2.88 -17.58
CA ASN B 114 -21.52 3.71 -17.10
C ASN B 114 -22.87 3.21 -17.64
N THR B 115 -23.38 2.16 -16.99
CA THR B 115 -24.63 1.52 -17.39
C THR B 115 -25.84 2.12 -16.67
N VAL B 116 -27.02 1.89 -17.24
CA VAL B 116 -28.28 1.99 -16.50
C VAL B 116 -28.17 1.11 -15.24
N ASN B 117 -28.89 1.51 -14.19
CA ASN B 117 -28.87 0.82 -12.91
C ASN B 117 -29.74 -0.43 -12.98
N LEU B 118 -29.19 -1.49 -13.55
CA LEU B 118 -29.91 -2.73 -13.74
C LEU B 118 -30.34 -3.34 -12.43
N SER B 119 -29.49 -3.19 -11.41
CA SER B 119 -29.73 -3.74 -10.09
C SER B 119 -30.93 -3.03 -9.45
N THR B 120 -30.99 -1.71 -9.56
CA THR B 120 -32.10 -0.96 -8.93
C THR B 120 -33.46 -1.33 -9.60
N MET B 121 -33.44 -1.44 -10.93
CA MET B 121 -34.58 -1.87 -11.73
CA MET B 121 -34.61 -1.86 -11.69
C MET B 121 -35.00 -3.30 -11.37
N ALA B 122 -34.03 -4.20 -11.30
CA ALA B 122 -34.34 -5.60 -10.99
C ALA B 122 -34.88 -5.73 -9.57
N ALA B 123 -34.37 -4.93 -8.66
CA ALA B 123 -34.81 -4.96 -7.27
C ALA B 123 -36.32 -4.65 -7.14
N ILE B 124 -36.74 -3.61 -7.85
CA ILE B 124 -38.15 -3.22 -7.91
C ILE B 124 -39.00 -4.33 -8.48
N VAL B 125 -38.53 -4.95 -9.56
CA VAL B 125 -39.26 -6.03 -10.19
C VAL B 125 -39.36 -7.25 -9.28
N VAL B 126 -38.28 -7.57 -8.58
CA VAL B 126 -38.23 -8.71 -7.65
C VAL B 126 -39.22 -8.45 -6.49
N ALA B 127 -39.19 -7.24 -5.93
CA ALA B 127 -40.17 -6.89 -4.86
C ALA B 127 -41.60 -6.98 -5.34
N ALA B 128 -41.87 -6.45 -6.52
CA ALA B 128 -43.22 -6.48 -7.08
C ALA B 128 -43.71 -7.91 -7.26
N ALA B 129 -42.78 -8.83 -7.54
CA ALA B 129 -43.12 -10.24 -7.66
C ALA B 129 -43.41 -10.93 -6.30
N GLY B 130 -43.13 -10.25 -5.19
CA GLY B 130 -43.52 -10.75 -3.88
C GLY B 130 -42.36 -11.27 -3.05
N VAL B 131 -41.14 -11.05 -3.52
CA VAL B 131 -39.96 -11.44 -2.78
C VAL B 131 -39.46 -10.20 -2.05
N PRO B 132 -39.38 -10.26 -0.71
CA PRO B 132 -38.94 -9.05 0.02
C PRO B 132 -37.51 -8.68 -0.34
N VAL B 133 -37.27 -7.41 -0.65
CA VAL B 133 -35.94 -6.93 -1.06
C VAL B 133 -35.45 -5.90 -0.06
N VAL B 134 -34.27 -6.11 0.54
CA VAL B 134 -33.63 -5.01 1.29
C VAL B 134 -32.30 -4.70 0.65
N LYS B 135 -32.25 -3.55 0.04
CA LYS B 135 -31.11 -3.13 -0.73
C LYS B 135 -30.16 -2.28 0.09
N HIS B 136 -28.86 -2.44 -0.19
CA HIS B 136 -27.82 -1.66 0.47
C HIS B 136 -27.06 -0.91 -0.60
N GLY B 137 -26.73 0.34 -0.32
CA GLY B 137 -26.01 1.13 -1.29
C GLY B 137 -25.67 2.55 -0.90
N ASN B 138 -25.18 3.25 -1.90
CA ASN B 138 -24.50 4.51 -1.74
C ASN B 138 -24.58 5.36 -3.02
N ARG B 139 -24.25 6.63 -2.91
CA ARG B 139 -24.13 7.49 -4.08
C ARG B 139 -22.92 7.12 -4.94
N ALA B 140 -22.89 7.62 -6.17
CA ALA B 140 -21.84 7.30 -7.16
C ALA B 140 -20.43 7.51 -6.63
N SER B 145 -25.15 9.15 -11.29
CA SER B 145 -24.88 7.84 -11.88
C SER B 145 -25.43 6.68 -11.04
N GLY B 146 -25.00 6.61 -9.78
CA GLY B 146 -25.13 5.41 -8.94
C GLY B 146 -26.52 5.08 -8.43
N GLY B 147 -26.60 3.97 -7.70
CA GLY B 147 -27.87 3.40 -7.25
C GLY B 147 -28.72 4.30 -6.37
N ALA B 148 -28.12 4.84 -5.32
CA ALA B 148 -28.82 5.78 -4.44
C ALA B 148 -29.24 7.05 -5.17
N ASP B 149 -28.39 7.54 -6.09
CA ASP B 149 -28.67 8.75 -6.86
C ASP B 149 -29.89 8.58 -7.76
N THR B 150 -29.98 7.42 -8.43
CA THR B 150 -31.09 7.13 -9.31
C THR B 150 -32.40 6.99 -8.53
N LEU B 151 -32.34 6.31 -7.39
CA LEU B 151 -33.49 6.19 -6.51
C LEU B 151 -33.99 7.56 -6.05
N GLU B 152 -33.05 8.41 -5.65
CA GLU B 152 -33.38 9.76 -5.20
C GLU B 152 -34.06 10.58 -6.29
N ALA B 153 -33.55 10.49 -7.50
CA ALA B 153 -34.15 11.16 -8.68
C ALA B 153 -35.56 10.65 -9.04
N LEU B 154 -35.86 9.40 -8.70
CA LEU B 154 -37.21 8.84 -8.84
C LEU B 154 -38.12 9.29 -7.70
N GLY B 155 -37.57 9.99 -6.70
CA GLY B 155 -38.37 10.48 -5.56
C GLY B 155 -38.41 9.57 -4.33
N VAL B 156 -37.60 8.52 -4.32
CA VAL B 156 -37.55 7.64 -3.17
C VAL B 156 -36.66 8.24 -2.09
N ARG B 157 -37.07 8.08 -0.84
CA ARG B 157 -36.26 8.47 0.32
C ARG B 157 -35.21 7.42 0.57
N ILE B 158 -33.96 7.75 0.27
CA ILE B 158 -32.85 6.81 0.46
C ILE B 158 -32.30 6.87 1.88
N ASP B 159 -32.72 7.88 2.62
CA ASP B 159 -32.07 8.34 3.83
C ASP B 159 -32.49 7.69 5.16
N LEU B 160 -33.38 6.74 5.13
CA LEU B 160 -34.12 6.34 6.31
C LEU B 160 -33.33 5.54 7.34
N GLY B 161 -33.64 5.78 8.61
CA GLY B 161 -33.05 5.01 9.72
C GLY B 161 -33.69 3.64 9.86
N PRO B 162 -33.16 2.82 10.78
CA PRO B 162 -33.58 1.41 10.91
C PRO B 162 -35.08 1.19 11.03
N ASP B 163 -35.74 1.96 11.91
CA ASP B 163 -37.15 1.74 12.14
C ASP B 163 -37.99 2.00 10.90
N LEU B 164 -37.63 3.00 10.12
CA LEU B 164 -38.39 3.34 8.91
C LEU B 164 -38.08 2.42 7.73
N VAL B 165 -36.84 1.96 7.64
CA VAL B 165 -36.51 0.97 6.61
C VAL B 165 -37.34 -0.29 6.87
N ALA B 166 -37.45 -0.70 8.13
CA ALA B 166 -38.30 -1.84 8.54
C ALA B 166 -39.77 -1.63 8.14
N ARG B 167 -40.28 -0.43 8.38
CA ARG B 167 -41.64 -0.06 7.93
C ARG B 167 -41.79 -0.16 6.41
N SER B 168 -40.83 0.42 5.67
CA SER B 168 -40.87 0.35 4.20
C SER B 168 -40.95 -1.10 3.74
N LEU B 169 -40.13 -1.95 4.34
CA LEU B 169 -40.07 -3.36 3.96
C LEU B 169 -41.44 -4.00 4.19
N ALA B 170 -42.04 -3.71 5.33
CA ALA B 170 -43.36 -4.24 5.69
C ALA B 170 -44.44 -3.75 4.72
N GLU B 171 -44.48 -2.45 4.50
CA GLU B 171 -45.62 -1.83 3.87
C GLU B 171 -45.55 -1.83 2.37
N VAL B 172 -44.33 -1.78 1.85
CA VAL B 172 -44.10 -1.55 0.43
C VAL B 172 -43.53 -2.82 -0.20
N GLY B 173 -42.76 -3.57 0.59
CA GLY B 173 -42.15 -4.83 0.13
C GLY B 173 -40.70 -4.65 -0.25
N ILE B 174 -40.17 -3.44 -0.09
CA ILE B 174 -38.78 -3.15 -0.40
C ILE B 174 -38.28 -2.10 0.59
N GLY B 175 -36.99 -2.16 0.89
CA GLY B 175 -36.32 -1.13 1.67
C GLY B 175 -34.92 -0.88 1.15
N PHE B 176 -34.38 0.31 1.45
CA PHE B 176 -33.03 0.70 1.01
C PHE B 176 -32.25 1.25 2.22
N CYS B 177 -31.16 0.57 2.56
CA CYS B 177 -30.26 1.02 3.60
C CYS B 177 -29.15 1.85 2.97
N PHE B 178 -29.13 3.14 3.29
CA PHE B 178 -28.11 4.06 2.80
C PHE B 178 -26.82 3.84 3.63
N ALA B 179 -25.74 3.44 2.95
CA ALA B 179 -24.51 3.07 3.62
C ALA B 179 -24.01 4.04 4.70
N PRO B 180 -23.88 5.33 4.38
CA PRO B 180 -23.43 6.27 5.41
C PRO B 180 -24.33 6.38 6.63
N ARG B 181 -25.62 6.11 6.45
CA ARG B 181 -26.59 6.15 7.55
C ARG B 181 -26.39 5.01 8.54
N PHE B 182 -26.12 3.82 8.03
CA PHE B 182 -25.97 2.63 8.85
C PHE B 182 -24.55 2.28 9.28
N HIS B 183 -23.55 2.73 8.52
CA HIS B 183 -22.13 2.48 8.81
C HIS B 183 -21.39 3.81 9.09
N PRO B 184 -21.87 4.60 10.07
CA PRO B 184 -21.22 5.90 10.25
C PRO B 184 -19.76 5.85 10.66
N SER B 185 -19.35 4.82 11.39
CA SER B 185 -17.94 4.61 11.77
C SER B 185 -16.99 4.27 10.60
N TYR B 186 -17.54 4.10 9.40
CA TYR B 186 -16.72 3.82 8.22
C TYR B 186 -16.26 5.12 7.55
N ARG B 187 -16.66 6.27 8.07
CA ARG B 187 -16.35 7.49 7.36
C ARG B 187 -14.85 7.73 7.15
N HIS B 188 -14.03 7.28 8.08
CA HIS B 188 -12.59 7.53 7.97
C HIS B 188 -12.05 6.72 6.82
N ALA B 189 -12.47 5.47 6.73
CA ALA B 189 -12.07 4.62 5.60
C ALA B 189 -12.61 5.17 4.29
N ALA B 190 -13.85 5.67 4.29
CA ALA B 190 -14.45 6.23 3.07
C ALA B 190 -13.69 7.46 2.55
N ALA B 191 -13.30 8.34 3.46
CA ALA B 191 -12.49 9.51 3.11
C ALA B 191 -11.18 9.09 2.43
N VAL B 192 -10.56 8.01 2.87
CA VAL B 192 -9.32 7.53 2.26
C VAL B 192 -9.53 6.92 0.86
N ARG B 193 -10.52 6.02 0.71
CA ARG B 193 -10.85 5.41 -0.60
C ARG B 193 -10.93 6.49 -1.70
N ALA B 194 -11.55 7.59 -1.34
CA ALA B 194 -11.70 8.74 -2.20
C ALA B 194 -10.34 9.35 -2.56
N GLU B 195 -9.54 9.64 -1.54
CA GLU B 195 -8.24 10.27 -1.72
C GLU B 195 -7.30 9.45 -2.60
N ILE B 196 -7.34 8.12 -2.51
CA ILE B 196 -6.41 7.30 -3.29
C ILE B 196 -6.95 6.84 -4.64
N GLY B 197 -8.27 6.75 -4.75
CA GLY B 197 -8.93 6.63 -6.04
C GLY B 197 -8.72 5.33 -6.80
N VAL B 198 -8.08 4.36 -6.19
CA VAL B 198 -7.75 3.13 -6.86
C VAL B 198 -8.63 2.05 -6.20
N PRO B 199 -9.13 1.07 -6.96
CA PRO B 199 -9.86 -0.03 -6.35
C PRO B 199 -9.01 -0.81 -5.33
N THR B 200 -9.62 -1.25 -4.25
CA THR B 200 -8.94 -2.11 -3.27
C THR B 200 -9.94 -3.15 -2.76
N VAL B 201 -9.46 -4.01 -1.88
CA VAL B 201 -10.29 -4.96 -1.15
C VAL B 201 -11.52 -4.30 -0.52
N PHE B 202 -11.44 -3.02 -0.14
CA PHE B 202 -12.62 -2.33 0.42
C PHE B 202 -13.78 -2.18 -0.56
N ASN B 203 -13.50 -2.21 -1.87
CA ASN B 203 -14.57 -2.19 -2.88
C ASN B 203 -15.46 -3.44 -2.83
N LEU B 204 -15.00 -4.49 -2.16
CA LEU B 204 -15.79 -5.69 -2.00
C LEU B 204 -16.82 -5.60 -0.87
N LEU B 205 -16.69 -4.62 0.02
CA LEU B 205 -17.42 -4.66 1.31
C LEU B 205 -18.90 -4.30 1.27
N GLY B 206 -19.30 -3.40 0.38
CA GLY B 206 -20.73 -3.01 0.21
C GLY B 206 -21.74 -4.15 0.19
N PRO B 207 -21.56 -5.12 -0.73
CA PRO B 207 -22.49 -6.23 -0.76
C PRO B 207 -22.35 -7.20 0.39
N LEU B 208 -21.21 -7.17 1.08
CA LEU B 208 -20.98 -8.08 2.16
C LEU B 208 -21.42 -7.50 3.51
N THR B 209 -21.86 -6.25 3.50
CA THR B 209 -22.17 -5.54 4.75
C THR B 209 -23.56 -4.90 4.78
N ASN B 210 -24.51 -5.50 4.06
CA ASN B 210 -25.89 -5.08 4.16
C ASN B 210 -26.34 -5.19 5.63
N PRO B 211 -26.73 -4.06 6.24
CA PRO B 211 -27.02 -4.09 7.66
C PRO B 211 -28.27 -4.87 8.05
N ALA B 212 -29.16 -5.11 7.10
CA ALA B 212 -30.33 -5.97 7.28
C ALA B 212 -30.00 -7.45 7.22
N ARG B 213 -28.81 -7.79 6.71
CA ARG B 213 -28.30 -9.16 6.70
C ARG B 213 -29.20 -10.19 5.99
N PRO B 214 -29.75 -9.83 4.84
CA PRO B 214 -30.57 -10.80 4.11
C PRO B 214 -29.70 -12.00 3.75
N ARG B 215 -30.32 -13.18 3.69
CA ARG B 215 -29.62 -14.46 3.51
CA ARG B 215 -29.57 -14.44 3.50
C ARG B 215 -29.52 -14.88 2.05
N ALA B 216 -30.14 -14.12 1.15
CA ALA B 216 -30.06 -14.43 -0.29
C ALA B 216 -29.71 -13.19 -1.08
N GLY B 217 -29.17 -13.38 -2.28
CA GLY B 217 -28.83 -12.27 -3.13
C GLY B 217 -28.38 -12.59 -4.52
N LEU B 218 -28.55 -11.61 -5.41
CA LEU B 218 -27.85 -11.59 -6.70
C LEU B 218 -26.79 -10.51 -6.57
N ILE B 219 -25.52 -10.90 -6.61
CA ILE B 219 -24.43 -10.02 -6.25
C ILE B 219 -23.45 -9.92 -7.41
N GLY B 220 -23.35 -8.73 -8.00
CA GLY B 220 -22.45 -8.48 -9.13
C GLY B 220 -21.05 -8.11 -8.66
N CYS B 221 -20.03 -8.63 -9.35
CA CYS B 221 -18.66 -8.34 -8.99
C CYS B 221 -17.86 -8.00 -10.24
N ALA B 222 -17.28 -6.80 -10.23
CA ALA B 222 -16.56 -6.23 -11.38
C ALA B 222 -15.19 -6.85 -11.54
N PHE B 223 -14.63 -7.33 -10.43
CA PHE B 223 -13.27 -7.81 -10.36
C PHE B 223 -13.32 -9.35 -10.47
N ALA B 224 -13.08 -9.86 -11.68
CA ALA B 224 -13.22 -11.28 -11.95
C ALA B 224 -12.44 -12.13 -10.96
N ASP B 225 -11.24 -11.67 -10.63
CA ASP B 225 -10.34 -12.38 -9.69
C ASP B 225 -10.87 -12.50 -8.26
N LEU B 226 -11.78 -11.61 -7.88
CA LEU B 226 -12.25 -11.50 -6.51
C LEU B 226 -13.67 -11.99 -6.31
N ALA B 227 -14.36 -12.31 -7.39
CA ALA B 227 -15.72 -12.82 -7.27
C ALA B 227 -15.70 -14.12 -6.49
N GLU B 228 -14.71 -14.97 -6.71
CA GLU B 228 -14.67 -16.23 -5.95
C GLU B 228 -14.51 -15.97 -4.44
N VAL B 229 -13.70 -14.97 -4.09
CA VAL B 229 -13.49 -14.59 -2.71
C VAL B 229 -14.82 -14.11 -2.09
N MET B 230 -15.53 -13.22 -2.78
CA MET B 230 -16.86 -12.80 -2.30
C MET B 230 -17.76 -13.99 -2.10
N ALA B 231 -17.73 -14.96 -3.04
CA ALA B 231 -18.59 -16.14 -2.92
C ALA B 231 -18.24 -16.94 -1.69
N GLY B 232 -16.94 -17.06 -1.42
CA GLY B 232 -16.45 -17.76 -0.25
C GLY B 232 -17.01 -17.14 1.02
N VAL B 233 -17.05 -15.80 1.04
CA VAL B 233 -17.59 -15.07 2.21
C VAL B 233 -19.08 -15.36 2.46
N PHE B 234 -19.88 -15.33 1.40
CA PHE B 234 -21.29 -15.69 1.44
C PHE B 234 -21.51 -17.15 1.87
N ALA B 235 -20.69 -18.05 1.34
CA ALA B 235 -20.75 -19.46 1.66
C ALA B 235 -20.55 -19.72 3.14
N ALA B 236 -19.58 -19.01 3.72
CA ALA B 236 -19.28 -19.12 5.15
C ALA B 236 -20.48 -18.80 6.02
N ARG B 237 -21.29 -17.85 5.59
CA ARG B 237 -22.49 -17.48 6.37
C ARG B 237 -23.70 -18.25 5.90
N ARG B 238 -23.46 -19.27 5.06
CA ARG B 238 -24.51 -20.12 4.51
C ARG B 238 -25.63 -19.34 3.82
N SER B 239 -25.26 -18.31 3.09
CA SER B 239 -26.21 -17.56 2.29
C SER B 239 -26.54 -18.32 1.02
N SER B 240 -27.72 -18.05 0.46
CA SER B 240 -28.02 -18.45 -0.92
C SER B 240 -27.87 -17.27 -1.84
N VAL B 241 -26.75 -17.26 -2.58
CA VAL B 241 -26.38 -16.14 -3.41
C VAL B 241 -25.86 -16.63 -4.77
N LEU B 242 -26.09 -15.81 -5.78
CA LEU B 242 -25.42 -15.96 -7.08
C LEU B 242 -24.49 -14.76 -7.23
N VAL B 243 -23.18 -15.02 -7.26
CA VAL B 243 -22.20 -13.99 -7.52
C VAL B 243 -21.89 -14.04 -8.99
N VAL B 244 -22.09 -12.92 -9.67
CA VAL B 244 -22.13 -12.89 -11.12
C VAL B 244 -21.13 -11.91 -11.72
N HIS B 245 -20.44 -12.37 -12.77
CA HIS B 245 -19.56 -11.49 -13.53
C HIS B 245 -19.79 -11.81 -15.01
N GLY B 246 -20.24 -10.81 -15.76
CA GLY B 246 -20.42 -10.94 -17.20
C GLY B 246 -19.06 -11.11 -17.87
N ASP B 247 -18.99 -12.01 -18.85
CA ASP B 247 -17.70 -12.30 -19.51
C ASP B 247 -17.27 -11.14 -20.42
N ASP B 248 -18.08 -10.09 -20.39
CA ASP B 248 -17.78 -8.80 -20.99
C ASP B 248 -17.42 -7.74 -19.93
N GLY B 249 -17.29 -8.16 -18.66
CA GLY B 249 -16.84 -7.25 -17.60
C GLY B 249 -17.93 -6.63 -16.71
N LEU B 250 -19.19 -6.75 -17.11
CA LEU B 250 -20.28 -6.19 -16.30
C LEU B 250 -20.34 -6.81 -14.91
N ASP B 251 -20.68 -5.99 -13.91
CA ASP B 251 -20.98 -6.51 -12.58
C ASP B 251 -22.49 -6.85 -12.45
N GLU B 252 -23.01 -7.50 -13.49
CA GLU B 252 -24.38 -8.02 -13.54
C GLU B 252 -24.42 -9.17 -14.54
N LEU B 253 -25.53 -9.90 -14.58
CA LEU B 253 -25.73 -10.84 -15.66
C LEU B 253 -25.92 -10.07 -16.96
N THR B 254 -25.14 -10.44 -17.97
CA THR B 254 -25.15 -9.71 -19.23
C THR B 254 -25.96 -10.44 -20.29
N THR B 255 -26.37 -9.69 -21.31
CA THR B 255 -26.99 -10.26 -22.51
C THR B 255 -26.12 -10.14 -23.77
N THR B 256 -24.90 -9.62 -23.64
CA THR B 256 -23.98 -9.45 -24.79
C THR B 256 -23.18 -10.72 -25.04
N THR B 257 -23.20 -11.61 -24.06
CA THR B 257 -22.39 -12.82 -24.08
C THR B 257 -22.69 -13.66 -22.82
N THR B 258 -21.86 -14.67 -22.56
CA THR B 258 -22.01 -15.53 -21.40
C THR B 258 -21.62 -14.77 -20.13
N SER B 259 -22.08 -15.30 -18.99
CA SER B 259 -21.66 -14.81 -17.70
C SER B 259 -21.09 -15.96 -16.90
N THR B 260 -20.13 -15.65 -16.03
CA THR B 260 -19.68 -16.57 -15.02
C THR B 260 -20.53 -16.38 -13.77
N ILE B 261 -20.97 -17.48 -13.17
CA ILE B 261 -21.76 -17.46 -11.95
C ILE B 261 -21.04 -18.32 -10.92
N TRP B 262 -20.82 -17.75 -9.75
CA TRP B 262 -20.42 -18.50 -8.57
C TRP B 262 -21.66 -18.73 -7.73
N ARG B 263 -22.18 -19.94 -7.81
CA ARG B 263 -23.43 -20.31 -7.21
C ARG B 263 -23.14 -20.81 -5.80
N VAL B 264 -23.73 -20.11 -4.81
CA VAL B 264 -23.50 -20.38 -3.41
C VAL B 264 -24.78 -20.93 -2.82
N ALA B 265 -24.69 -22.13 -2.28
CA ALA B 265 -25.77 -22.77 -1.59
C ALA B 265 -25.24 -23.93 -0.76
N ALA B 266 -25.88 -24.21 0.37
CA ALA B 266 -25.46 -25.28 1.28
C ALA B 266 -23.98 -25.14 1.68
N GLY B 267 -23.55 -23.88 1.85
CA GLY B 267 -22.19 -23.55 2.29
C GLY B 267 -21.09 -23.84 1.28
N SER B 268 -21.46 -24.21 0.06
CA SER B 268 -20.50 -24.58 -0.96
C SER B 268 -20.71 -23.76 -2.22
N VAL B 269 -19.63 -23.63 -2.98
CA VAL B 269 -19.55 -22.79 -4.15
C VAL B 269 -19.21 -23.65 -5.36
N ASP B 270 -19.98 -23.53 -6.44
CA ASP B 270 -19.52 -24.04 -7.74
C ASP B 270 -19.64 -22.96 -8.81
N LYS B 271 -18.71 -23.04 -9.74
CA LYS B 271 -18.56 -22.07 -10.77
C LYS B 271 -19.22 -22.62 -12.03
N LEU B 272 -20.06 -21.80 -12.66
CA LEU B 272 -20.80 -22.17 -13.88
C LEU B 272 -20.65 -21.10 -14.93
N THR B 273 -20.71 -21.50 -16.20
CA THR B 273 -20.95 -20.54 -17.27
C THR B 273 -22.44 -20.51 -17.60
N PHE B 274 -22.97 -19.32 -17.84
CA PHE B 274 -24.39 -19.14 -18.02
C PHE B 274 -24.60 -18.43 -19.34
N ASP B 275 -25.43 -19.02 -20.21
CA ASP B 275 -25.78 -18.39 -21.50
C ASP B 275 -27.28 -18.15 -21.59
N PRO B 276 -27.69 -16.88 -21.54
CA PRO B 276 -29.13 -16.58 -21.60
C PRO B 276 -29.78 -16.90 -22.95
N ALA B 277 -28.98 -17.15 -23.97
CA ALA B 277 -29.50 -17.61 -25.25
C ALA B 277 -30.33 -18.86 -25.03
N GLY B 278 -29.90 -19.71 -24.10
CA GLY B 278 -30.66 -20.91 -23.69
C GLY B 278 -32.08 -20.62 -23.18
N PHE B 279 -32.35 -19.37 -22.81
CA PHE B 279 -33.71 -18.93 -22.48
C PHE B 279 -34.32 -18.00 -23.55
N GLY B 280 -33.77 -18.02 -24.77
CA GLY B 280 -34.33 -17.25 -25.88
C GLY B 280 -33.89 -15.80 -25.98
N PHE B 281 -32.94 -15.38 -25.15
CA PHE B 281 -32.46 -14.00 -25.19
C PHE B 281 -31.51 -13.73 -26.36
N ALA B 282 -31.84 -12.71 -27.15
CA ALA B 282 -30.97 -12.27 -28.24
C ALA B 282 -29.68 -11.67 -27.68
N ARG B 283 -28.59 -11.81 -28.43
CA ARG B 283 -27.35 -11.12 -28.05
C ARG B 283 -27.55 -9.61 -28.22
N ALA B 284 -27.15 -8.84 -27.23
CA ALA B 284 -27.16 -7.39 -27.32
C ALA B 284 -25.74 -6.89 -27.41
N GLN B 285 -25.60 -5.59 -27.66
CA GLN B 285 -24.29 -4.95 -27.70
C GLN B 285 -24.18 -4.12 -26.43
N LEU B 286 -22.98 -4.07 -25.87
CA LEU B 286 -22.74 -3.38 -24.61
C LEU B 286 -23.25 -1.94 -24.56
N ASP B 287 -23.06 -1.19 -25.64
CA ASP B 287 -23.46 0.22 -25.66
C ASP B 287 -24.97 0.44 -25.48
N GLN B 288 -25.77 -0.61 -25.68
CA GLN B 288 -27.23 -0.51 -25.53
C GLN B 288 -27.70 -0.49 -24.07
N LEU B 289 -26.77 -0.75 -23.13
CA LEU B 289 -27.06 -0.76 -21.69
C LEU B 289 -26.38 0.42 -20.98
N ALA B 290 -26.12 1.49 -21.72
CA ALA B 290 -25.36 2.64 -21.20
C ALA B 290 -26.29 3.77 -20.73
N GLY B 291 -25.93 4.42 -19.64
CA GLY B 291 -26.78 5.45 -19.05
C GLY B 291 -26.01 6.48 -18.27
N GLY B 292 -26.32 7.75 -18.51
CA GLY B 292 -25.57 8.86 -17.96
C GLY B 292 -26.02 9.28 -16.56
N ASP B 293 -26.52 10.51 -16.46
CA ASP B 293 -26.76 11.09 -15.15
C ASP B 293 -27.94 10.42 -14.45
N ALA B 294 -28.13 10.77 -13.18
CA ALA B 294 -29.19 10.19 -12.37
C ALA B 294 -30.53 10.44 -13.02
N GLN B 295 -30.67 11.60 -13.66
CA GLN B 295 -31.87 11.94 -14.41
C GLN B 295 -32.14 10.98 -15.57
N ALA B 296 -31.07 10.58 -16.26
CA ALA B 296 -31.20 9.68 -17.43
C ALA B 296 -31.55 8.27 -17.02
N ASN B 297 -30.82 7.77 -16.03
CA ASN B 297 -31.10 6.46 -15.48
C ASN B 297 -32.52 6.39 -14.89
N ALA B 298 -32.97 7.47 -14.24
CA ALA B 298 -34.33 7.54 -13.74
C ALA B 298 -35.36 7.43 -14.88
N ALA B 299 -35.05 8.07 -16.01
CA ALA B 299 -35.90 7.97 -17.19
C ALA B 299 -35.91 6.55 -17.74
N ALA B 300 -34.74 5.91 -17.72
CA ALA B 300 -34.64 4.52 -18.18
C ALA B 300 -35.49 3.58 -17.29
N VAL B 301 -35.52 3.84 -15.97
CA VAL B 301 -36.32 3.04 -15.03
C VAL B 301 -37.79 3.15 -15.39
N ARG B 302 -38.25 4.39 -15.54
CA ARG B 302 -39.65 4.66 -15.88
CA ARG B 302 -39.67 4.63 -15.88
C ARG B 302 -40.01 4.01 -17.22
N ALA B 303 -39.08 4.05 -18.16
CA ALA B 303 -39.33 3.48 -19.47
C ALA B 303 -39.56 1.96 -19.39
N VAL B 304 -38.68 1.24 -18.69
CA VAL B 304 -38.81 -0.21 -18.53
C VAL B 304 -40.05 -0.60 -17.71
N LEU B 305 -40.22 0.04 -16.56
CA LEU B 305 -41.38 -0.25 -15.72
C LEU B 305 -42.69 0.04 -16.43
N GLY B 306 -42.65 0.96 -17.41
CA GLY B 306 -43.81 1.30 -18.24
C GLY B 306 -44.05 0.37 -19.41
N GLY B 307 -43.13 -0.57 -19.63
CA GLY B 307 -43.35 -1.68 -20.55
C GLY B 307 -42.62 -1.62 -21.88
N ALA B 308 -41.75 -0.63 -22.06
CA ALA B 308 -40.89 -0.55 -23.23
C ALA B 308 -40.10 -1.84 -23.44
N ARG B 309 -40.10 -2.36 -24.67
CA ARG B 309 -39.34 -3.56 -24.99
C ARG B 309 -37.95 -3.17 -25.43
N GLY B 310 -37.04 -4.12 -25.47
CA GLY B 310 -35.66 -3.84 -25.87
C GLY B 310 -34.59 -4.49 -25.01
N PRO B 311 -33.33 -4.17 -25.31
CA PRO B 311 -32.21 -4.82 -24.61
C PRO B 311 -32.16 -4.54 -23.10
N VAL B 312 -32.60 -3.35 -22.71
CA VAL B 312 -32.61 -2.94 -21.31
C VAL B 312 -33.60 -3.77 -20.48
N ARG B 313 -34.84 -3.87 -20.97
CA ARG B 313 -35.84 -4.76 -20.36
C ARG B 313 -35.29 -6.17 -20.22
N ASP B 314 -34.76 -6.73 -21.30
CA ASP B 314 -34.20 -8.08 -21.26
C ASP B 314 -33.19 -8.26 -20.13
N ALA B 315 -32.26 -7.32 -20.00
CA ALA B 315 -31.24 -7.39 -18.96
C ALA B 315 -31.88 -7.35 -17.57
N VAL B 316 -32.90 -6.49 -17.41
CA VAL B 316 -33.59 -6.34 -16.13
C VAL B 316 -34.28 -7.62 -15.76
N VAL B 317 -35.00 -8.21 -16.72
CA VAL B 317 -35.75 -9.43 -16.48
C VAL B 317 -34.78 -10.55 -16.11
N LEU B 318 -33.67 -10.64 -16.84
CA LEU B 318 -32.68 -11.68 -16.59
C LEU B 318 -32.10 -11.61 -15.18
N ASN B 319 -31.72 -10.40 -14.75
CA ASN B 319 -31.17 -10.18 -13.41
C ASN B 319 -32.24 -10.28 -12.28
N ALA B 320 -33.45 -9.82 -12.56
CA ALA B 320 -34.56 -10.06 -11.65
C ALA B 320 -34.78 -11.58 -11.48
N ALA B 321 -34.83 -12.34 -12.57
CA ALA B 321 -34.95 -13.79 -12.47
C ALA B 321 -33.82 -14.38 -11.63
N GLY B 322 -32.60 -13.92 -11.85
CA GLY B 322 -31.42 -14.37 -11.06
C GLY B 322 -31.60 -14.21 -9.56
N ALA B 323 -32.11 -13.05 -9.17
CA ALA B 323 -32.42 -12.80 -7.77
C ALA B 323 -33.49 -13.76 -7.23
N ILE B 324 -34.48 -14.08 -8.07
CA ILE B 324 -35.56 -14.99 -7.68
C ILE B 324 -35.02 -16.40 -7.53
N VAL B 325 -34.09 -16.77 -8.41
CA VAL B 325 -33.45 -18.07 -8.31
C VAL B 325 -32.63 -18.20 -7.04
N ALA B 326 -31.92 -17.12 -6.71
CA ALA B 326 -31.17 -17.05 -5.45
C ALA B 326 -32.13 -17.24 -4.26
N HIS B 327 -33.29 -16.57 -4.33
CA HIS B 327 -34.33 -16.69 -3.28
C HIS B 327 -34.81 -18.15 -3.15
N ALA B 328 -35.02 -18.80 -4.31
CA ALA B 328 -35.48 -20.20 -4.33
C ALA B 328 -34.46 -21.13 -3.71
N GLY B 329 -33.19 -20.76 -3.84
CA GLY B 329 -32.09 -21.55 -3.32
C GLY B 329 -32.03 -21.62 -1.81
N LEU B 330 -32.79 -20.78 -1.12
CA LEU B 330 -32.92 -20.89 0.32
C LEU B 330 -33.57 -22.24 0.72
N SER B 331 -34.47 -22.73 -0.12
CA SER B 331 -35.05 -24.08 0.01
C SER B 331 -34.13 -25.14 -0.59
N SER B 332 -33.80 -26.16 0.21
CA SER B 332 -32.88 -27.23 -0.24
C SER B 332 -33.47 -28.09 -1.37
N ARG B 333 -34.79 -28.06 -1.53
CA ARG B 333 -35.46 -28.80 -2.61
C ARG B 333 -35.42 -28.07 -3.99
N ALA B 334 -34.81 -26.89 -4.05
CA ALA B 334 -34.76 -26.10 -5.30
C ALA B 334 -33.99 -26.78 -6.45
N GLU B 335 -34.51 -26.65 -7.68
CA GLU B 335 -33.89 -27.17 -8.92
C GLU B 335 -33.55 -26.06 -9.91
N TRP B 336 -32.33 -26.10 -10.47
CA TRP B 336 -31.76 -24.99 -11.28
C TRP B 336 -32.61 -24.51 -12.47
N LEU B 337 -32.91 -25.39 -13.42
CA LEU B 337 -33.60 -24.93 -14.63
C LEU B 337 -35.07 -24.56 -14.39
N PRO B 338 -35.82 -25.40 -13.65
CA PRO B 338 -37.18 -24.96 -13.31
C PRO B 338 -37.22 -23.64 -12.54
N ALA B 339 -36.22 -23.41 -11.70
CA ALA B 339 -36.14 -22.17 -10.93
C ALA B 339 -35.97 -20.99 -11.87
N TRP B 340 -35.08 -21.10 -12.85
CA TRP B 340 -34.90 -20.02 -13.83
C TRP B 340 -36.16 -19.73 -14.65
N GLU B 341 -36.86 -20.77 -15.08
CA GLU B 341 -38.04 -20.59 -15.93
C GLU B 341 -39.14 -19.89 -15.16
N GLU B 342 -39.33 -20.29 -13.93
CA GLU B 342 -40.30 -19.64 -13.06
C GLU B 342 -39.87 -18.20 -12.75
N GLY B 343 -38.58 -18.00 -12.48
CA GLY B 343 -38.05 -16.64 -12.18
C GLY B 343 -38.26 -15.68 -13.35
N LEU B 344 -38.00 -16.16 -14.56
CA LEU B 344 -38.24 -15.35 -15.74
C LEU B 344 -39.71 -15.04 -15.97
N ARG B 345 -40.59 -16.01 -15.72
CA ARG B 345 -42.03 -15.81 -15.89
C ARG B 345 -42.50 -14.78 -14.88
N ARG B 346 -41.98 -14.88 -13.67
CA ARG B 346 -42.43 -14.02 -12.55
C ARG B 346 -41.94 -12.60 -12.74
N ALA B 347 -40.72 -12.46 -13.25
CA ALA B 347 -40.13 -11.14 -13.53
C ALA B 347 -40.85 -10.41 -14.67
N SER B 348 -41.10 -11.12 -15.76
CA SER B 348 -41.86 -10.54 -16.89
C SER B 348 -43.25 -10.11 -16.48
N ALA B 349 -43.94 -10.96 -15.72
CA ALA B 349 -45.31 -10.67 -15.32
C ALA B 349 -45.36 -9.46 -14.39
N ALA B 350 -44.42 -9.38 -13.47
CA ALA B 350 -44.36 -8.26 -12.54
C ALA B 350 -44.29 -6.91 -13.29
N ILE B 351 -43.56 -6.89 -14.40
CA ILE B 351 -43.50 -5.68 -15.21
C ILE B 351 -44.81 -5.52 -15.98
N ASP B 352 -45.19 -6.57 -16.72
CA ASP B 352 -46.27 -6.48 -17.70
C ASP B 352 -47.64 -6.17 -17.07
N THR B 353 -47.86 -6.64 -15.84
CA THR B 353 -49.10 -6.39 -15.12
C THR B 353 -49.15 -4.97 -14.58
N GLY B 354 -48.01 -4.28 -14.60
CA GLY B 354 -47.92 -2.96 -14.00
C GLY B 354 -47.55 -3.03 -12.54
N ALA B 355 -47.34 -4.23 -12.00
CA ALA B 355 -47.06 -4.32 -10.55
C ALA B 355 -45.78 -3.60 -10.16
N ALA B 356 -44.76 -3.71 -11.00
CA ALA B 356 -43.48 -3.07 -10.72
C ALA B 356 -43.57 -1.56 -10.73
N GLU B 357 -44.23 -1.06 -11.77
CA GLU B 357 -44.48 0.37 -11.91
C GLU B 357 -45.23 0.85 -10.68
N GLN B 358 -46.28 0.12 -10.28
CA GLN B 358 -47.08 0.57 -9.15
C GLN B 358 -46.37 0.43 -7.77
N LEU B 359 -45.51 -0.58 -7.61
CA LEU B 359 -44.66 -0.68 -6.40
C LEU B 359 -43.75 0.55 -6.22
N LEU B 360 -43.13 1.00 -7.30
CA LEU B 360 -42.31 2.20 -7.25
C LEU B 360 -43.16 3.41 -6.79
N ALA B 361 -44.30 3.61 -7.44
CA ALA B 361 -45.23 4.67 -7.03
C ALA B 361 -45.58 4.58 -5.55
N ARG B 362 -45.84 3.37 -5.07
CA ARG B 362 -46.15 3.19 -3.63
C ARG B 362 -44.96 3.48 -2.73
N TRP B 363 -43.76 3.13 -3.19
CA TRP B 363 -42.53 3.39 -2.44
C TRP B 363 -42.31 4.91 -2.29
N VAL B 364 -42.52 5.64 -3.37
CA VAL B 364 -42.43 7.12 -3.34
C VAL B 364 -43.45 7.70 -2.37
N ARG B 365 -44.69 7.26 -2.52
CA ARG B 365 -45.79 7.69 -1.65
C ARG B 365 -45.46 7.42 -0.17
N PHE B 366 -44.89 6.24 0.12
CA PHE B 366 -44.51 5.88 1.48
C PHE B 366 -43.57 6.89 2.14
N GLY B 367 -42.56 7.33 1.39
CA GLY B 367 -41.58 8.26 1.92
C GLY B 367 -42.14 9.64 2.20
N ARG B 368 -43.19 10.03 1.49
CA ARG B 368 -43.83 11.33 1.71
C ARG B 368 -44.81 11.32 2.89
N GLN B 369 -45.04 10.16 3.49
CA GLN B 369 -46.03 10.03 4.54
C GLN B 369 -45.40 9.51 5.85
N ILE B 370 -44.32 10.17 6.30
CA ILE B 370 -43.58 9.82 7.54
C ILE B 370 -43.50 8.32 7.80
#